data_6INK
#
_entry.id   6INK
#
_cell.length_a   57.817
_cell.length_b   80.276
_cell.length_c   163.321
_cell.angle_alpha   90.000
_cell.angle_beta   90.000
_cell.angle_gamma   90.000
#
_symmetry.space_group_name_H-M   'P 21 21 21'
#
loop_
_entity.id
_entity.type
_entity.pdbx_description
1 polymer "cAMP-specific 3',5'-cyclic phosphodiesterase 4D"
2 non-polymer 'ZINC ION'
3 non-polymer 'MAGNESIUM ION'
4 non-polymer (1S)-1-[2-(1H-indol-3-yl)ethyl]-6,7-dimethoxy-3,4-dihydroisoquinoline-2(1H)-carbaldehyde
5 non-polymer 1,2-ETHANEDIOL
6 water water
#
_entity_poly.entity_id   1
_entity_poly.type   'polypeptide(L)'
_entity_poly.pdbx_seq_one_letter_code
;MGSSHHHHHHSSGLVPRGSHMTEQEDVLAKELEDVNKWGLHVFRIAELSGNRPLTVIMHTIFQERDLLKTFKIPVDTLIT
YLMTLEDHYHADVAYHNNIHAADVVQSTHVLLSTPALEAVFTDLEILAAIFASAIHDVDHPGVSNQFLINTNSELALMYN
DSSVLENHHLAVGFKLLQEENCDIFQNLTKKQRQSLRKMVIDIVLATDMSKHMNLLADLKTMVETKKVTSSGVLLLDNYS
DRIQVLQNMVHCADLSNPTKPLQLYRQWTDRIMEEFFRQGDRERERGMEISPMCDKHNASVEKSQVGFIDYIVHPLWETW
ADLVHPDAQDILDTLEDNREWYQSTIPQS
;
_entity_poly.pdbx_strand_id   A,B
#
loop_
_chem_comp.id
_chem_comp.type
_chem_comp.name
_chem_comp.formula
AKU non-polymer (1S)-1-[2-(1H-indol-3-yl)ethyl]-6,7-dimethoxy-3,4-dihydroisoquinoline-2(1H)-carbaldehyde 'C22 H24 N2 O3'
EDO non-polymer 1,2-ETHANEDIOL 'C2 H6 O2'
MG non-polymer 'MAGNESIUM ION' 'Mg 2'
ZN non-polymer 'ZINC ION' 'Zn 2'
#
# COMPACT_ATOMS: atom_id res chain seq x y z
N GLN A 24 33.23 -25.85 11.67
CA GLN A 24 34.23 -25.34 12.59
C GLN A 24 34.18 -23.80 12.65
N GLU A 25 34.40 -23.26 13.85
CA GLU A 25 34.29 -21.82 14.06
C GLU A 25 35.47 -21.07 13.45
N ASP A 26 36.67 -21.66 13.52
CA ASP A 26 37.85 -20.97 12.99
C ASP A 26 37.72 -20.73 11.50
N VAL A 27 37.26 -21.73 10.74
CA VAL A 27 37.17 -21.57 9.31
C VAL A 27 36.06 -20.59 8.96
N LEU A 28 34.99 -20.57 9.76
CA LEU A 28 33.92 -19.60 9.50
C LEU A 28 34.40 -18.19 9.81
N ALA A 29 35.10 -18.03 10.94
CA ALA A 29 35.68 -16.73 11.27
C ALA A 29 36.59 -16.24 10.15
N LYS A 30 37.38 -17.14 9.57
CA LYS A 30 38.24 -16.77 8.46
C LYS A 30 37.43 -16.27 7.28
N GLU A 31 36.34 -17.00 6.94
CA GLU A 31 35.53 -16.55 5.80
C GLU A 31 34.88 -15.21 6.07
N LEU A 32 34.48 -14.95 7.33
CA LEU A 32 33.79 -13.70 7.62
C LEU A 32 34.73 -12.50 7.61
N GLU A 33 36.05 -12.73 7.57
CA GLU A 33 36.95 -11.61 7.32
C GLU A 33 36.72 -10.96 5.95
N ASP A 34 36.01 -11.64 5.05
CA ASP A 34 35.69 -11.07 3.73
C ASP A 34 34.37 -10.29 3.71
N VAL A 35 33.78 -10.01 4.87
CA VAL A 35 32.46 -9.39 4.90
C VAL A 35 32.45 -8.00 4.26
N ASN A 36 33.61 -7.35 4.12
CA ASN A 36 33.62 -6.04 3.48
C ASN A 36 33.86 -6.13 1.98
N LYS A 37 33.90 -7.32 1.40
CA LYS A 37 34.34 -7.50 0.02
C LYS A 37 33.17 -7.97 -0.85
N TRP A 38 33.09 -7.41 -2.05
CA TRP A 38 32.15 -7.90 -3.05
C TRP A 38 32.55 -9.31 -3.45
N GLY A 39 31.61 -10.25 -3.42
CA GLY A 39 31.98 -11.61 -3.79
C GLY A 39 32.34 -12.50 -2.62
N LEU A 40 32.03 -12.08 -1.39
CA LEU A 40 31.95 -12.97 -0.24
C LEU A 40 31.37 -14.32 -0.65
N HIS A 41 31.99 -15.40 -0.14
CA HIS A 41 31.53 -16.76 -0.47
C HIS A 41 30.31 -17.07 0.39
N VAL A 42 29.16 -16.49 0.01
CA VAL A 42 28.02 -16.58 0.91
C VAL A 42 27.48 -18.02 1.02
N PHE A 43 27.66 -18.85 -0.02
CA PHE A 43 27.18 -20.23 0.12
C PHE A 43 28.08 -21.02 1.05
N ARG A 44 29.39 -20.75 1.01
CA ARG A 44 30.31 -21.39 1.96
C ARG A 44 30.01 -20.94 3.39
N ILE A 45 29.71 -19.65 3.57
CA ILE A 45 29.34 -19.18 4.91
C ILE A 45 28.05 -19.84 5.39
N ALA A 46 27.09 -20.07 4.48
CA ALA A 46 25.87 -20.77 4.89
C ALA A 46 26.18 -22.16 5.41
N GLU A 47 27.02 -22.90 4.69
CA GLU A 47 27.41 -24.24 5.13
C GLU A 47 28.17 -24.20 6.46
N LEU A 48 29.15 -23.29 6.58
CA LEU A 48 30.04 -23.32 7.74
C LEU A 48 29.34 -22.81 8.99
N SER A 49 28.30 -22.00 8.82
CA SER A 49 27.54 -21.50 9.96
C SER A 49 26.37 -22.39 10.32
N GLY A 50 26.24 -23.54 9.68
CA GLY A 50 25.14 -24.44 10.01
C GLY A 50 23.82 -23.88 9.56
N ASN A 51 23.77 -23.41 8.30
CA ASN A 51 22.59 -22.78 7.68
C ASN A 51 22.12 -21.57 8.47
N ARG A 52 23.08 -20.78 9.00
CA ARG A 52 22.69 -19.51 9.61
C ARG A 52 23.45 -18.36 8.96
N PRO A 53 23.47 -18.27 7.62
CA PRO A 53 24.22 -17.16 7.00
C PRO A 53 23.67 -15.80 7.38
N LEU A 54 22.35 -15.67 7.49
CA LEU A 54 21.81 -14.34 7.80
C LEU A 54 22.20 -13.91 9.21
N THR A 55 22.11 -14.83 10.18
CA THR A 55 22.48 -14.49 11.56
C THR A 55 23.96 -14.12 11.67
N VAL A 56 24.87 -14.94 11.10
CA VAL A 56 26.27 -14.66 11.38
C VAL A 56 26.73 -13.46 10.58
N ILE A 57 26.19 -13.26 9.36
CA ILE A 57 26.61 -12.09 8.57
C ILE A 57 26.04 -10.81 9.18
N MET A 58 24.78 -10.82 9.60
CA MET A 58 24.22 -9.65 10.29
C MET A 58 24.99 -9.34 11.57
N HIS A 59 25.29 -10.35 12.38
CA HIS A 59 26.03 -10.10 13.62
C HIS A 59 27.39 -9.50 13.31
N THR A 60 28.10 -10.08 12.33
CA THR A 60 29.42 -9.59 11.96
C THR A 60 29.35 -8.13 11.52
N ILE A 61 28.37 -7.81 10.66
CA ILE A 61 28.22 -6.44 10.17
C ILE A 61 27.89 -5.49 11.32
N PHE A 62 26.98 -5.89 12.23
CA PHE A 62 26.65 -5.01 13.35
C PHE A 62 27.88 -4.73 14.22
N GLN A 63 28.75 -5.73 14.40
CA GLN A 63 29.99 -5.50 15.16
C GLN A 63 30.95 -4.62 14.37
N GLU A 64 31.06 -4.84 13.06
CA GLU A 64 31.98 -4.05 12.25
C GLU A 64 31.61 -2.57 12.24
N ARG A 65 30.31 -2.27 12.23
CA ARG A 65 29.83 -0.90 12.22
C ARG A 65 29.52 -0.37 13.62
N ASP A 66 29.84 -1.13 14.67
CA ASP A 66 29.65 -0.72 16.07
C ASP A 66 28.19 -0.39 16.38
N LEU A 67 27.27 -1.09 15.71
CA LEU A 67 25.85 -0.79 15.87
C LEU A 67 25.31 -1.27 17.21
N LEU A 68 25.87 -2.34 17.79
CA LEU A 68 25.41 -2.75 19.12
C LEU A 68 25.71 -1.68 20.16
N LYS A 69 26.91 -1.10 20.12
CA LYS A 69 27.23 -0.06 21.08
C LYS A 69 26.45 1.22 20.81
N THR A 70 26.32 1.61 19.53
CA THR A 70 25.67 2.87 19.19
C THR A 70 24.21 2.88 19.62
N PHE A 71 23.51 1.77 19.41
CA PHE A 71 22.08 1.70 19.68
C PHE A 71 21.77 0.86 20.90
N LYS A 72 22.79 0.54 21.72
CA LYS A 72 22.61 -0.18 22.97
C LYS A 72 21.76 -1.43 22.76
N ILE A 73 22.10 -2.18 21.73
CA ILE A 73 21.41 -3.41 21.38
C ILE A 73 22.04 -4.55 22.19
N PRO A 74 21.31 -5.21 23.08
CA PRO A 74 21.90 -6.36 23.78
C PRO A 74 22.23 -7.46 22.80
N VAL A 75 23.40 -8.09 22.99
CA VAL A 75 23.84 -9.06 21.99
C VAL A 75 22.90 -10.28 21.96
N ASP A 76 22.42 -10.71 23.13
CA ASP A 76 21.52 -11.86 23.17
C ASP A 76 20.21 -11.56 22.46
N THR A 77 19.70 -10.34 22.59
CA THR A 77 18.50 -9.92 21.86
C THR A 77 18.74 -9.93 20.35
N LEU A 78 19.89 -9.41 19.91
CA LEU A 78 20.19 -9.42 18.48
C LEU A 78 20.20 -10.84 17.93
N ILE A 79 20.91 -11.74 18.61
CA ILE A 79 21.00 -13.12 18.12
C ILE A 79 19.62 -13.77 18.13
N THR A 80 18.83 -13.55 19.17
CA THR A 80 17.50 -14.15 19.25
C THR A 80 16.61 -13.65 18.12
N TYR A 81 16.60 -12.33 17.87
CA TYR A 81 15.83 -11.83 16.75
C TYR A 81 16.33 -12.40 15.44
N LEU A 82 17.65 -12.39 15.23
CA LEU A 82 18.18 -12.83 13.95
C LEU A 82 17.85 -14.29 13.68
N MET A 83 17.94 -15.13 14.71
CA MET A 83 17.63 -16.55 14.51
C MET A 83 16.14 -16.74 14.22
N THR A 84 15.27 -15.97 14.89
CA THR A 84 13.84 -16.06 14.57
C THR A 84 13.53 -15.53 13.16
N LEU A 85 14.10 -14.39 12.80
CA LEU A 85 13.92 -13.87 11.43
C LEU A 85 14.41 -14.89 10.41
N GLU A 86 15.61 -15.43 10.61
CA GLU A 86 16.14 -16.40 9.66
C GLU A 86 15.22 -17.61 9.56
N ASP A 87 14.65 -18.02 10.70
CA ASP A 87 13.71 -19.14 10.74
C ASP A 87 12.49 -18.89 9.87
N HIS A 88 12.07 -17.64 9.71
CA HIS A 88 10.88 -17.35 8.92
C HIS A 88 11.16 -17.16 7.44
N TYR A 89 12.41 -17.33 6.99
CA TYR A 89 12.65 -17.59 5.56
C TYR A 89 12.42 -19.07 5.30
N HIS A 90 11.95 -19.40 4.09
CA HIS A 90 11.64 -20.80 3.78
C HIS A 90 12.90 -21.53 3.33
N ALA A 91 13.27 -22.57 4.08
CA ALA A 91 14.42 -23.37 3.71
C ALA A 91 14.16 -24.19 2.44
N ASP A 92 12.90 -24.36 2.07
CA ASP A 92 12.52 -25.16 0.90
C ASP A 92 12.18 -24.33 -0.34
N VAL A 93 12.55 -23.05 -0.40
CA VAL A 93 12.47 -22.30 -1.65
C VAL A 93 13.90 -22.09 -2.15
N ALA A 94 14.10 -22.33 -3.45
CA ALA A 94 15.45 -22.44 -3.99
C ALA A 94 16.19 -21.11 -3.99
N TYR A 95 15.49 -19.99 -4.23
CA TYR A 95 16.13 -18.68 -4.37
C TYR A 95 15.79 -17.76 -3.20
N HIS A 96 14.50 -17.53 -2.94
CA HIS A 96 14.09 -16.49 -1.99
C HIS A 96 14.11 -17.02 -0.53
N ASN A 97 15.32 -17.35 -0.06
CA ASN A 97 15.54 -17.98 1.24
C ASN A 97 16.54 -17.15 2.04
N ASN A 98 16.97 -17.70 3.18
CA ASN A 98 17.85 -16.96 4.07
C ASN A 98 19.23 -16.70 3.46
N ILE A 99 19.67 -17.51 2.50
CA ILE A 99 20.94 -17.20 1.84
C ILE A 99 20.80 -15.94 0.98
N HIS A 100 19.69 -15.82 0.24
CA HIS A 100 19.44 -14.59 -0.51
C HIS A 100 19.38 -13.38 0.41
N ALA A 101 18.68 -13.51 1.54
CA ALA A 101 18.62 -12.39 2.48
C ALA A 101 20.00 -12.02 2.97
N ALA A 102 20.83 -13.01 3.29
CA ALA A 102 22.16 -12.73 3.79
C ALA A 102 22.99 -12.05 2.72
N ASP A 103 22.81 -12.48 1.47
CA ASP A 103 23.53 -11.92 0.34
C ASP A 103 23.15 -10.45 0.15
N VAL A 104 21.85 -10.13 0.25
CA VAL A 104 21.43 -8.76 0.04
C VAL A 104 21.92 -7.87 1.20
N VAL A 105 21.82 -8.36 2.44
CA VAL A 105 22.39 -7.66 3.59
C VAL A 105 23.86 -7.33 3.36
N GLN A 106 24.65 -8.33 3.00
CA GLN A 106 26.08 -8.10 2.84
C GLN A 106 26.37 -7.17 1.67
N SER A 107 25.62 -7.30 0.57
CA SER A 107 25.86 -6.43 -0.58
C SER A 107 25.51 -4.98 -0.25
N THR A 108 24.40 -4.79 0.47
CA THR A 108 24.04 -3.46 0.96
C THR A 108 25.12 -2.90 1.87
N HIS A 109 25.65 -3.74 2.78
CA HIS A 109 26.75 -3.32 3.64
C HIS A 109 27.96 -2.82 2.83
N VAL A 110 28.35 -3.54 1.76
CA VAL A 110 29.46 -3.07 0.93
C VAL A 110 29.08 -1.75 0.22
N LEU A 111 27.89 -1.68 -0.34
CA LEU A 111 27.51 -0.45 -1.05
C LEU A 111 27.49 0.77 -0.14
N LEU A 112 27.09 0.58 1.12
CA LEU A 112 27.09 1.67 2.11
C LEU A 112 28.49 2.18 2.41
N SER A 113 29.51 1.36 2.18
CA SER A 113 30.87 1.75 2.49
C SER A 113 31.54 2.48 1.34
N THR A 114 30.83 2.75 0.27
CA THR A 114 31.49 3.28 -0.92
C THR A 114 31.99 4.70 -0.66
N PRO A 115 33.17 5.07 -1.17
CA PRO A 115 33.76 6.37 -0.80
C PRO A 115 32.90 7.56 -1.15
N ALA A 116 32.12 7.50 -2.25
CA ALA A 116 31.24 8.60 -2.60
C ALA A 116 30.15 8.85 -1.56
N LEU A 117 29.90 7.92 -0.64
CA LEU A 117 28.88 8.10 0.39
C LEU A 117 29.46 8.24 1.79
N GLU A 118 30.77 8.47 1.93
CA GLU A 118 31.36 8.48 3.26
C GLU A 118 30.80 9.63 4.08
N ALA A 119 30.33 9.31 5.29
CA ALA A 119 29.75 10.28 6.22
C ALA A 119 28.44 10.87 5.71
N VAL A 120 27.82 10.26 4.69
CA VAL A 120 26.61 10.85 4.12
C VAL A 120 25.39 10.44 4.93
N PHE A 121 25.30 9.19 5.33
CA PHE A 121 24.13 8.70 6.03
C PHE A 121 24.37 8.63 7.54
N THR A 122 23.32 8.91 8.32
CA THR A 122 23.45 8.80 9.78
C THR A 122 23.50 7.33 10.20
N ASP A 123 23.86 7.13 11.47
CA ASP A 123 23.82 5.77 12.03
C ASP A 123 22.43 5.16 11.95
N LEU A 124 21.36 5.97 12.07
CA LEU A 124 20.02 5.41 12.03
C LEU A 124 19.63 5.00 10.61
N GLU A 125 20.06 5.77 9.61
CA GLU A 125 19.80 5.42 8.21
C GLU A 125 20.57 4.16 7.81
N ILE A 126 21.79 4.04 8.32
CA ILE A 126 22.57 2.83 8.09
C ILE A 126 21.87 1.62 8.71
N LEU A 127 21.44 1.75 9.96
CA LEU A 127 20.66 0.69 10.61
C LEU A 127 19.41 0.35 9.80
N ALA A 128 18.69 1.36 9.31
CA ALA A 128 17.46 1.11 8.55
C ALA A 128 17.76 0.33 7.26
N ALA A 129 18.81 0.72 6.55
CA ALA A 129 19.10 0.06 5.28
C ALA A 129 19.50 -1.40 5.49
N ILE A 130 20.33 -1.65 6.51
CA ILE A 130 20.74 -3.02 6.78
C ILE A 130 19.58 -3.86 7.31
N PHE A 131 18.78 -3.30 8.23
CA PHE A 131 17.60 -4.03 8.72
C PHE A 131 16.62 -4.31 7.59
N ALA A 132 16.34 -3.31 6.74
CA ALA A 132 15.45 -3.52 5.60
C ALA A 132 15.94 -4.65 4.71
N SER A 133 17.24 -4.68 4.41
CA SER A 133 17.78 -5.77 3.61
C SER A 133 17.53 -7.12 4.26
N ALA A 134 17.69 -7.20 5.58
CA ALA A 134 17.60 -8.49 6.25
C ALA A 134 16.18 -9.04 6.20
N ILE A 135 15.18 -8.16 6.32
CA ILE A 135 13.79 -8.61 6.36
C ILE A 135 13.12 -8.62 4.98
N HIS A 136 13.81 -8.17 3.92
CA HIS A 136 13.10 -7.69 2.73
C HIS A 136 12.36 -8.78 1.97
N ASP A 137 12.70 -10.08 2.16
CA ASP A 137 11.98 -11.17 1.51
C ASP A 137 11.45 -12.19 2.51
N VAL A 138 11.30 -11.83 3.80
CA VAL A 138 11.01 -12.86 4.79
C VAL A 138 9.64 -13.51 4.52
N ASP A 139 9.57 -14.83 4.74
CA ASP A 139 8.36 -15.62 4.49
C ASP A 139 7.94 -15.60 3.02
N HIS A 140 8.89 -15.44 2.12
CA HIS A 140 8.59 -15.47 0.69
C HIS A 140 8.21 -16.89 0.29
N PRO A 141 7.07 -17.10 -0.37
CA PRO A 141 6.63 -18.47 -0.69
C PRO A 141 7.23 -19.04 -1.97
N GLY A 142 8.10 -18.30 -2.64
CA GLY A 142 8.70 -18.80 -3.87
C GLY A 142 7.88 -18.65 -5.13
N VAL A 143 6.84 -17.81 -5.11
CA VAL A 143 6.07 -17.48 -6.31
C VAL A 143 5.89 -15.96 -6.35
N SER A 144 5.53 -15.45 -7.53
CA SER A 144 5.52 -14.01 -7.77
C SER A 144 4.22 -13.34 -7.29
N ASN A 145 4.29 -12.00 -7.16
CA ASN A 145 3.08 -11.22 -6.88
C ASN A 145 1.95 -11.52 -7.87
N GLN A 146 2.29 -11.60 -9.16
CA GLN A 146 1.24 -11.83 -10.15
C GLN A 146 0.63 -13.22 -9.98
N PHE A 147 1.45 -14.22 -9.62
CA PHE A 147 0.89 -15.55 -9.35
C PHE A 147 -0.05 -15.49 -8.15
N LEU A 148 0.35 -14.77 -7.11
CA LEU A 148 -0.50 -14.63 -5.92
C LEU A 148 -1.79 -13.90 -6.26
N ILE A 149 -1.72 -12.90 -7.14
CA ILE A 149 -2.93 -12.19 -7.55
C ILE A 149 -3.81 -13.09 -8.39
N ASN A 150 -3.23 -13.73 -9.40
CA ASN A 150 -4.01 -14.51 -10.34
C ASN A 150 -4.63 -15.74 -9.71
N THR A 151 -4.07 -16.25 -8.61
CA THR A 151 -4.66 -17.41 -7.97
C THR A 151 -5.60 -17.02 -6.82
N ASN A 152 -5.91 -15.73 -6.68
CA ASN A 152 -6.80 -15.22 -5.62
C ASN A 152 -6.33 -15.68 -4.24
N SER A 153 -5.02 -15.59 -4.00
CA SER A 153 -4.42 -16.01 -2.74
C SER A 153 -4.93 -15.17 -1.58
N GLU A 154 -4.79 -15.73 -0.37
CA GLU A 154 -5.15 -14.95 0.82
C GLU A 154 -4.25 -13.73 0.98
N LEU A 155 -2.98 -13.83 0.59
CA LEU A 155 -2.09 -12.67 0.66
C LEU A 155 -2.57 -11.56 -0.25
N ALA A 156 -2.95 -11.92 -1.49
CA ALA A 156 -3.41 -10.89 -2.42
C ALA A 156 -4.73 -10.27 -1.96
N LEU A 157 -5.59 -11.07 -1.34
CA LEU A 157 -6.83 -10.56 -0.78
C LEU A 157 -6.55 -9.60 0.38
N MET A 158 -5.58 -9.96 1.22
CA MET A 158 -5.22 -9.09 2.34
C MET A 158 -4.67 -7.75 1.85
N TYR A 159 -3.88 -7.75 0.79
CA TYR A 159 -3.13 -6.57 0.40
C TYR A 159 -3.67 -5.91 -0.88
N ASN A 160 -4.88 -6.27 -1.30
CA ASN A 160 -5.56 -5.58 -2.40
C ASN A 160 -4.68 -5.49 -3.64
N ASP A 161 -3.99 -6.60 -3.92
CA ASP A 161 -3.20 -6.79 -5.14
C ASP A 161 -2.05 -5.78 -5.26
N SER A 162 -1.70 -5.04 -4.22
CA SER A 162 -0.72 -3.94 -4.32
C SER A 162 0.53 -4.28 -3.51
N SER A 163 1.68 -4.39 -4.18
CA SER A 163 2.93 -4.81 -3.50
C SER A 163 2.67 -5.92 -2.48
N VAL A 164 2.08 -7.02 -2.96
CA VAL A 164 1.53 -8.02 -2.05
C VAL A 164 2.63 -8.64 -1.21
N LEU A 165 3.67 -9.19 -1.87
CA LEU A 165 4.73 -9.83 -1.08
C LEU A 165 5.44 -8.82 -0.19
N GLU A 166 5.74 -7.64 -0.73
CA GLU A 166 6.59 -6.70 -0.01
C GLU A 166 5.89 -6.15 1.24
N ASN A 167 4.58 -5.95 1.18
CA ASN A 167 3.84 -5.58 2.40
C ASN A 167 3.94 -6.69 3.43
N HIS A 168 3.86 -7.94 2.96
CA HIS A 168 3.94 -9.10 3.85
C HIS A 168 5.32 -9.22 4.48
N HIS A 169 6.39 -9.09 3.69
CA HIS A 169 7.73 -9.16 4.25
C HIS A 169 7.88 -8.14 5.39
N LEU A 170 7.45 -6.89 5.15
CA LEU A 170 7.50 -5.87 6.19
C LEU A 170 6.72 -6.27 7.43
N ALA A 171 5.45 -6.69 7.25
CA ALA A 171 4.62 -7.00 8.42
C ALA A 171 5.24 -8.11 9.27
N VAL A 172 5.77 -9.16 8.63
CA VAL A 172 6.42 -10.25 9.37
C VAL A 172 7.68 -9.75 10.05
N GLY A 173 8.52 -9.03 9.30
CA GLY A 173 9.77 -8.50 9.85
C GLY A 173 9.57 -7.68 11.09
N PHE A 174 8.57 -6.78 11.08
CA PHE A 174 8.33 -5.98 12.28
C PHE A 174 7.62 -6.77 13.37
N LYS A 175 6.66 -7.63 13.00
CA LYS A 175 5.94 -8.38 14.02
C LYS A 175 6.89 -9.23 14.87
N LEU A 176 7.94 -9.79 14.26
CA LEU A 176 8.86 -10.67 15.00
C LEU A 176 9.64 -9.93 16.08
N LEU A 177 9.78 -8.61 15.96
CA LEU A 177 10.36 -7.81 17.03
C LEU A 177 9.60 -7.95 18.34
N GLN A 178 8.34 -8.40 18.31
CA GLN A 178 7.52 -8.51 19.52
C GLN A 178 7.64 -9.87 20.21
N GLU A 179 8.38 -10.81 19.61
CA GLU A 179 8.57 -12.10 20.27
C GLU A 179 9.53 -11.94 21.46
N GLU A 180 9.59 -12.97 22.30
CA GLU A 180 10.34 -12.89 23.55
C GLU A 180 11.81 -12.60 23.29
N ASN A 181 12.31 -11.51 23.88
CA ASN A 181 13.71 -11.11 23.79
C ASN A 181 14.15 -10.84 22.35
N CYS A 182 13.24 -10.28 21.53
CA CYS A 182 13.54 -10.00 20.13
C CYS A 182 13.54 -8.53 19.80
N ASP A 183 13.21 -7.63 20.74
CA ASP A 183 13.10 -6.22 20.34
C ASP A 183 14.48 -5.60 20.33
N ILE A 184 15.14 -5.70 19.17
CA ILE A 184 16.49 -5.14 19.05
C ILE A 184 16.48 -3.62 19.06
N PHE A 185 15.32 -2.98 18.91
CA PHE A 185 15.22 -1.52 18.95
C PHE A 185 14.74 -1.01 20.30
N GLN A 186 14.82 -1.84 21.35
CA GLN A 186 14.24 -1.46 22.64
C GLN A 186 14.89 -0.23 23.27
N ASN A 187 16.13 0.09 22.90
CA ASN A 187 16.78 1.26 23.48
C ASN A 187 16.85 2.45 22.55
N LEU A 188 16.20 2.40 21.39
CA LEU A 188 16.04 3.60 20.59
C LEU A 188 15.00 4.51 21.23
N THR A 189 15.18 5.82 21.04
CA THR A 189 14.12 6.75 21.44
C THR A 189 12.87 6.52 20.59
N LYS A 190 11.75 7.08 21.07
CA LYS A 190 10.51 6.92 20.33
C LYS A 190 10.61 7.58 18.94
N LYS A 191 11.29 8.74 18.86
CA LYS A 191 11.45 9.39 17.57
C LYS A 191 12.39 8.58 16.67
N GLN A 192 13.44 7.97 17.25
CA GLN A 192 14.30 7.10 16.45
C GLN A 192 13.53 5.91 15.89
N ARG A 193 12.67 5.28 16.73
CA ARG A 193 11.88 4.14 16.27
C ARG A 193 10.90 4.54 15.18
N GLN A 194 10.26 5.69 15.32
CA GLN A 194 9.32 6.15 14.31
C GLN A 194 10.02 6.42 12.98
N SER A 195 11.17 7.07 13.04
CA SER A 195 11.93 7.38 11.83
C SER A 195 12.45 6.12 11.16
N LEU A 196 13.03 5.20 11.95
CA LEU A 196 13.51 3.96 11.36
C LEU A 196 12.37 3.17 10.73
N ARG A 197 11.22 3.11 11.40
CA ARG A 197 10.12 2.33 10.84
C ARG A 197 9.71 2.88 9.47
N LYS A 198 9.54 4.21 9.37
CA LYS A 198 9.18 4.83 8.08
C LYS A 198 10.20 4.52 6.99
N MET A 199 11.51 4.65 7.31
CA MET A 199 12.56 4.41 6.31
C MET A 199 12.57 2.97 5.86
N VAL A 200 12.45 2.02 6.80
CA VAL A 200 12.42 0.60 6.46
C VAL A 200 11.25 0.28 5.55
N ILE A 201 10.07 0.82 5.87
CA ILE A 201 8.92 0.59 5.00
C ILE A 201 9.19 1.16 3.60
N ASP A 202 9.69 2.39 3.54
CA ASP A 202 9.95 3.03 2.25
C ASP A 202 10.93 2.18 1.44
N ILE A 203 11.90 1.56 2.12
CA ILE A 203 12.93 0.83 1.39
C ILE A 203 12.39 -0.50 0.90
N VAL A 204 11.71 -1.25 1.76
CA VAL A 204 11.27 -2.59 1.35
C VAL A 204 10.19 -2.50 0.28
N LEU A 205 9.30 -1.50 0.37
CA LEU A 205 8.27 -1.39 -0.67
C LEU A 205 8.89 -1.09 -2.03
N ALA A 206 10.04 -0.40 -2.05
CA ALA A 206 10.74 -0.11 -3.29
C ALA A 206 11.39 -1.35 -3.92
N THR A 207 11.43 -2.51 -3.21
CA THR A 207 11.97 -3.71 -3.83
C THR A 207 10.95 -4.44 -4.68
N ASP A 208 9.70 -3.99 -4.70
CA ASP A 208 8.71 -4.53 -5.61
C ASP A 208 9.16 -4.32 -7.07
N MET A 209 9.29 -5.42 -7.83
CA MET A 209 9.87 -5.29 -9.17
C MET A 209 9.01 -4.47 -10.10
N SER A 210 7.73 -4.32 -9.83
CA SER A 210 6.91 -3.47 -10.67
C SER A 210 7.22 -1.98 -10.51
N LYS A 211 8.00 -1.60 -9.48
CA LYS A 211 8.45 -0.21 -9.31
C LYS A 211 9.80 0.07 -9.97
N HIS A 212 10.41 -0.94 -10.60
CA HIS A 212 11.79 -0.79 -11.06
C HIS A 212 11.93 0.37 -12.04
N MET A 213 11.06 0.46 -13.05
CA MET A 213 11.24 1.48 -14.06
C MET A 213 11.16 2.88 -13.46
N ASN A 214 10.23 3.09 -12.52
CA ASN A 214 10.10 4.42 -11.91
C ASN A 214 11.27 4.74 -11.00
N LEU A 215 11.76 3.75 -10.28
CA LEU A 215 12.91 3.97 -9.40
C LEU A 215 14.16 4.31 -10.22
N LEU A 216 14.35 3.60 -11.34
CA LEU A 216 15.50 3.87 -12.20
C LEU A 216 15.39 5.22 -12.88
N ALA A 217 14.18 5.60 -13.32
CA ALA A 217 14.00 6.93 -13.91
C ALA A 217 14.40 8.02 -12.93
N ASP A 218 14.03 7.85 -11.65
CA ASP A 218 14.39 8.86 -10.65
C ASP A 218 15.89 8.85 -10.38
N LEU A 219 16.50 7.67 -10.31
CA LEU A 219 17.94 7.60 -10.10
C LEU A 219 18.68 8.29 -11.22
N LYS A 220 18.24 8.06 -12.47
CA LYS A 220 18.83 8.74 -13.63
C LYS A 220 18.74 10.27 -13.48
N THR A 221 17.57 10.77 -13.09
CA THR A 221 17.44 12.22 -12.88
C THR A 221 18.43 12.73 -11.83
N MET A 222 18.63 11.95 -10.75
CA MET A 222 19.53 12.40 -9.71
C MET A 222 20.98 12.39 -10.19
N VAL A 223 21.36 11.41 -11.00
CA VAL A 223 22.69 11.41 -11.60
C VAL A 223 22.88 12.65 -12.47
N GLU A 224 21.88 12.95 -13.31
CA GLU A 224 22.05 14.08 -14.22
C GLU A 224 22.11 15.40 -13.48
N THR A 225 21.59 15.48 -12.25
CA THR A 225 21.55 16.73 -11.47
C THR A 225 22.41 16.64 -10.22
N LYS A 226 23.37 15.70 -10.21
CA LYS A 226 24.14 15.34 -9.03
C LYS A 226 24.90 16.55 -8.46
N LYS A 227 24.94 16.64 -7.13
CA LYS A 227 25.77 17.62 -6.44
C LYS A 227 26.70 16.91 -5.47
N VAL A 228 27.91 17.42 -5.37
CA VAL A 228 28.92 16.85 -4.46
C VAL A 228 29.38 17.96 -3.54
N THR A 229 29.78 17.58 -2.33
CA THR A 229 30.26 18.53 -1.34
C THR A 229 31.76 18.80 -1.51
N SER A 230 32.28 19.66 -0.62
CA SER A 230 33.71 19.99 -0.62
C SER A 230 34.58 18.77 -0.43
N SER A 231 34.08 17.76 0.28
CA SER A 231 34.80 16.52 0.47
C SER A 231 34.64 15.57 -0.70
N GLY A 232 33.89 15.95 -1.73
CA GLY A 232 33.69 15.10 -2.89
C GLY A 232 32.70 13.97 -2.71
N VAL A 233 31.97 13.93 -1.59
CA VAL A 233 30.93 12.92 -1.39
C VAL A 233 29.60 13.47 -1.88
N LEU A 234 28.62 12.58 -2.06
CA LEU A 234 27.30 12.96 -2.56
C LEU A 234 26.60 13.92 -1.60
N LEU A 235 25.99 14.96 -2.16
CA LEU A 235 25.24 15.95 -1.39
C LEU A 235 23.76 15.55 -1.39
N LEU A 236 23.23 15.18 -0.21
CA LEU A 236 21.84 14.72 -0.07
C LEU A 236 21.19 15.46 1.11
N ASP A 237 20.47 16.54 0.83
CA ASP A 237 20.07 17.47 1.89
C ASP A 237 18.57 17.47 2.17
N ASN A 238 17.85 16.41 1.80
CA ASN A 238 16.43 16.34 2.10
C ASN A 238 16.07 14.86 2.18
N TYR A 239 14.93 14.56 2.83
CA TYR A 239 14.57 13.16 3.01
C TYR A 239 14.32 12.47 1.67
N SER A 240 13.62 13.15 0.76
CA SER A 240 13.28 12.51 -0.51
C SER A 240 14.51 11.99 -1.25
N ASP A 241 15.57 12.82 -1.36
CA ASP A 241 16.80 12.37 -2.01
C ASP A 241 17.51 11.28 -1.22
N ARG A 242 17.57 11.42 0.11
CA ARG A 242 18.28 10.42 0.92
C ARG A 242 17.61 9.06 0.83
N ILE A 243 16.28 9.04 0.96
CA ILE A 243 15.58 7.74 0.93
C ILE A 243 15.65 7.16 -0.47
N GLN A 244 15.68 8.02 -1.50
CA GLN A 244 15.75 7.48 -2.85
C GLN A 244 17.09 6.79 -3.10
N VAL A 245 18.18 7.35 -2.57
CA VAL A 245 19.47 6.66 -2.69
C VAL A 245 19.44 5.33 -1.93
N LEU A 246 18.85 5.31 -0.73
CA LEU A 246 18.80 4.05 0.03
C LEU A 246 17.90 3.02 -0.65
N GLN A 247 16.79 3.48 -1.23
CA GLN A 247 15.92 2.55 -1.97
C GLN A 247 16.67 1.93 -3.13
N ASN A 248 17.33 2.76 -3.95
CA ASN A 248 18.06 2.23 -5.08
C ASN A 248 19.24 1.36 -4.65
N MET A 249 19.88 1.70 -3.53
CA MET A 249 20.99 0.89 -3.05
C MET A 249 20.55 -0.53 -2.74
N VAL A 250 19.46 -0.66 -1.98
CA VAL A 250 18.97 -1.98 -1.62
C VAL A 250 18.41 -2.69 -2.84
N HIS A 251 17.80 -1.93 -3.76
CA HIS A 251 17.34 -2.53 -5.02
C HIS A 251 18.51 -3.06 -5.86
N CYS A 252 19.61 -2.30 -5.95
CA CYS A 252 20.84 -2.79 -6.61
C CYS A 252 21.36 -4.05 -5.93
N ALA A 253 21.39 -4.05 -4.59
CA ALA A 253 21.86 -5.24 -3.88
C ALA A 253 20.96 -6.44 -4.19
N ASP A 254 19.65 -6.21 -4.26
CA ASP A 254 18.69 -7.28 -4.54
C ASP A 254 18.94 -7.84 -5.94
N LEU A 255 19.31 -6.97 -6.88
CA LEU A 255 19.56 -7.35 -8.27
C LEU A 255 21.04 -7.45 -8.54
N SER A 256 21.83 -7.93 -7.58
CA SER A 256 23.28 -7.90 -7.77
C SER A 256 23.87 -9.23 -8.23
N ASN A 257 23.06 -10.30 -8.36
CA ASN A 257 23.66 -11.60 -8.68
C ASN A 257 24.54 -11.58 -9.92
N PRO A 258 24.15 -10.94 -11.04
CA PRO A 258 25.00 -10.98 -12.23
C PRO A 258 26.26 -10.12 -12.13
N THR A 259 26.42 -9.33 -11.06
CA THR A 259 27.62 -8.54 -10.82
C THR A 259 28.65 -9.28 -9.97
N LYS A 260 28.34 -10.49 -9.52
CA LYS A 260 29.19 -11.26 -8.63
C LYS A 260 30.09 -12.16 -9.44
N PRO A 261 31.19 -12.63 -8.86
CA PRO A 261 32.02 -13.64 -9.53
C PRO A 261 31.18 -14.79 -10.08
N LEU A 262 31.57 -15.28 -11.25
CA LEU A 262 30.72 -16.19 -12.03
C LEU A 262 30.29 -17.42 -11.24
N GLN A 263 31.16 -17.94 -10.38
CA GLN A 263 30.77 -19.18 -9.70
C GLN A 263 29.64 -18.94 -8.70
N LEU A 264 29.48 -17.70 -8.23
CA LEU A 264 28.34 -17.32 -7.39
C LEU A 264 27.12 -17.06 -8.25
N TYR A 265 27.30 -16.29 -9.31
CA TYR A 265 26.22 -15.93 -10.23
C TYR A 265 25.55 -17.17 -10.80
N ARG A 266 26.32 -18.16 -11.23
CA ARG A 266 25.68 -19.33 -11.82
C ARG A 266 24.84 -20.10 -10.81
N GLN A 267 25.26 -20.13 -9.54
CA GLN A 267 24.43 -20.77 -8.52
C GLN A 267 23.12 -20.00 -8.33
N TRP A 268 23.18 -18.68 -8.31
CA TRP A 268 21.95 -17.90 -8.21
C TRP A 268 21.03 -18.16 -9.41
N THR A 269 21.61 -18.28 -10.60
CA THR A 269 20.83 -18.59 -11.80
C THR A 269 20.16 -19.95 -11.68
N ASP A 270 20.92 -20.96 -11.23
CA ASP A 270 20.34 -22.28 -11.04
C ASP A 270 19.15 -22.21 -10.10
N ARG A 271 19.26 -21.42 -9.03
CA ARG A 271 18.22 -21.38 -8.01
C ARG A 271 16.96 -20.62 -8.48
N ILE A 272 17.13 -19.49 -9.17
CA ILE A 272 15.95 -18.75 -9.63
C ILE A 272 15.22 -19.55 -10.69
N MET A 273 15.97 -20.26 -11.56
CA MET A 273 15.29 -21.08 -12.56
C MET A 273 14.51 -22.21 -11.91
N GLU A 274 15.03 -22.80 -10.84
CA GLU A 274 14.27 -23.85 -10.16
C GLU A 274 12.96 -23.29 -9.59
N GLU A 275 13.04 -22.12 -8.97
CA GLU A 275 11.85 -21.48 -8.42
C GLU A 275 10.87 -21.12 -9.53
N PHE A 276 11.37 -20.55 -10.64
CA PHE A 276 10.50 -20.21 -11.79
C PHE A 276 9.82 -21.45 -12.35
N PHE A 277 10.59 -22.52 -12.58
CA PHE A 277 10.00 -23.71 -13.18
C PHE A 277 8.94 -24.32 -12.27
N ARG A 278 9.16 -24.29 -10.96
CA ARG A 278 8.15 -24.82 -10.05
C ARG A 278 6.89 -23.96 -10.08
N GLN A 279 7.06 -22.64 -10.22
CA GLN A 279 5.87 -21.80 -10.41
C GLN A 279 5.16 -22.15 -11.71
N GLY A 280 5.93 -22.29 -12.79
CA GLY A 280 5.32 -22.65 -14.06
C GLY A 280 4.60 -23.99 -14.03
N ASP A 281 5.11 -24.95 -13.25
CA ASP A 281 4.42 -26.23 -13.10
C ASP A 281 3.08 -26.06 -12.42
N ARG A 282 3.01 -25.16 -11.44
CA ARG A 282 1.72 -24.88 -10.80
C ARG A 282 0.79 -24.14 -11.75
N GLU A 283 1.33 -23.21 -12.54
CA GLU A 283 0.50 -22.52 -13.53
C GLU A 283 -0.01 -23.48 -14.61
N ARG A 284 0.88 -24.33 -15.13
CA ARG A 284 0.44 -25.27 -16.16
C ARG A 284 -0.64 -26.20 -15.61
N GLU A 285 -0.42 -26.72 -14.40
CA GLU A 285 -1.37 -27.61 -13.77
C GLU A 285 -2.72 -26.94 -13.54
N ARG A 286 -2.71 -25.63 -13.29
CA ARG A 286 -3.96 -24.91 -13.07
C ARG A 286 -4.60 -24.40 -14.36
N GLY A 287 -4.00 -24.68 -15.52
CA GLY A 287 -4.55 -24.21 -16.78
C GLY A 287 -4.29 -22.75 -17.09
N MET A 288 -3.35 -22.11 -16.40
CA MET A 288 -3.07 -20.71 -16.62
C MET A 288 -1.96 -20.54 -17.66
N GLU A 289 -1.87 -19.32 -18.22
CA GLU A 289 -0.71 -18.98 -19.03
C GLU A 289 0.53 -19.07 -18.16
N ILE A 290 1.58 -19.68 -18.69
CA ILE A 290 2.84 -19.79 -17.96
C ILE A 290 3.55 -18.45 -18.00
N SER A 291 4.05 -18.01 -16.85
CA SER A 291 4.75 -16.75 -16.77
C SER A 291 6.04 -16.80 -17.58
N PRO A 292 6.53 -15.65 -18.04
CA PRO A 292 7.83 -15.62 -18.72
C PRO A 292 8.91 -16.32 -17.91
N MET A 293 9.70 -17.15 -18.59
CA MET A 293 10.85 -17.87 -18.03
C MET A 293 10.44 -19.01 -17.09
N CYS A 294 9.16 -19.34 -17.01
CA CYS A 294 8.73 -20.35 -16.06
C CYS A 294 8.36 -21.67 -16.70
N ASP A 295 8.46 -21.78 -18.03
CA ASP A 295 8.09 -23.00 -18.75
C ASP A 295 9.34 -23.84 -18.96
N LYS A 296 9.48 -24.93 -18.19
CA LYS A 296 10.69 -25.73 -18.30
C LYS A 296 10.83 -26.42 -19.65
N HIS A 297 9.77 -26.43 -20.46
CA HIS A 297 9.83 -27.10 -21.76
C HIS A 297 10.13 -26.14 -22.90
N ASN A 298 10.14 -24.83 -22.64
CA ASN A 298 10.28 -23.79 -23.66
C ASN A 298 11.11 -22.62 -23.11
N ALA A 299 12.08 -22.92 -22.25
CA ALA A 299 12.88 -21.88 -21.63
C ALA A 299 14.31 -21.93 -22.17
N SER A 300 14.92 -20.75 -22.33
CA SER A 300 16.34 -20.67 -22.62
C SER A 300 16.98 -19.94 -21.45
N VAL A 301 17.71 -20.67 -20.62
CA VAL A 301 18.25 -20.08 -19.41
C VAL A 301 19.29 -19.02 -19.77
N GLU A 302 20.12 -19.32 -20.77
CA GLU A 302 21.21 -18.40 -21.14
C GLU A 302 20.67 -17.14 -21.78
N LYS A 303 19.76 -17.28 -22.75
CA LYS A 303 19.18 -16.08 -23.35
C LYS A 303 18.41 -15.25 -22.33
N SER A 304 17.78 -15.90 -21.35
CA SER A 304 17.07 -15.14 -20.32
C SER A 304 18.02 -14.34 -19.44
N GLN A 305 19.21 -14.87 -19.12
CA GLN A 305 20.18 -14.10 -18.35
C GLN A 305 20.69 -12.91 -19.13
N VAL A 306 21.00 -13.10 -20.43
CA VAL A 306 21.52 -11.99 -21.22
C VAL A 306 20.47 -10.88 -21.31
N GLY A 307 19.21 -11.25 -21.53
CA GLY A 307 18.14 -10.26 -21.55
C GLY A 307 17.93 -9.60 -20.21
N PHE A 308 17.97 -10.38 -19.12
CA PHE A 308 17.90 -9.83 -17.77
C PHE A 308 18.97 -8.79 -17.55
N ILE A 309 20.21 -9.11 -17.95
CA ILE A 309 21.28 -8.14 -17.77
C ILE A 309 21.05 -6.92 -18.66
N ASP A 310 20.70 -7.16 -19.94
CA ASP A 310 20.63 -6.06 -20.92
C ASP A 310 19.50 -5.09 -20.61
N TYR A 311 18.34 -5.60 -20.19
CA TYR A 311 17.16 -4.74 -20.03
C TYR A 311 16.93 -4.29 -18.58
N ILE A 312 17.52 -4.95 -17.59
CA ILE A 312 17.23 -4.64 -16.19
C ILE A 312 18.53 -4.33 -15.45
N VAL A 313 19.45 -5.30 -15.39
CA VAL A 313 20.52 -5.22 -14.41
C VAL A 313 21.59 -4.22 -14.84
N HIS A 314 22.01 -4.26 -16.11
CA HIS A 314 23.04 -3.31 -16.52
C HIS A 314 22.51 -1.87 -16.55
N PRO A 315 21.30 -1.61 -17.06
CA PRO A 315 20.79 -0.22 -16.97
C PRO A 315 20.79 0.31 -15.54
N LEU A 316 20.42 -0.53 -14.57
CA LEU A 316 20.41 -0.12 -13.17
C LEU A 316 21.82 0.10 -12.63
N TRP A 317 22.71 -0.90 -12.80
CA TRP A 317 24.06 -0.78 -12.23
C TRP A 317 24.90 0.29 -12.94
N GLU A 318 24.71 0.49 -14.24
CA GLU A 318 25.41 1.56 -14.94
C GLU A 318 25.03 2.91 -14.35
N THR A 319 23.77 3.05 -13.96
CA THR A 319 23.31 4.30 -13.38
C THR A 319 23.85 4.47 -11.97
N TRP A 320 23.79 3.40 -11.17
CA TRP A 320 24.40 3.46 -9.84
C TRP A 320 25.88 3.78 -9.95
N ALA A 321 26.56 3.13 -10.89
CA ALA A 321 27.98 3.39 -11.08
C ALA A 321 28.23 4.86 -11.41
N ASP A 322 27.33 5.49 -12.16
CA ASP A 322 27.48 6.93 -12.45
C ASP A 322 27.29 7.76 -11.18
N LEU A 323 26.31 7.41 -10.34
CA LEU A 323 26.08 8.15 -9.12
C LEU A 323 27.31 8.17 -8.22
N VAL A 324 28.02 7.05 -8.11
CA VAL A 324 29.15 6.93 -7.20
C VAL A 324 30.50 6.89 -7.93
N HIS A 325 30.56 7.36 -9.17
CA HIS A 325 31.75 7.19 -10.00
C HIS A 325 33.00 7.70 -9.28
N PRO A 326 34.15 6.98 -9.35
CA PRO A 326 34.38 5.71 -10.06
C PRO A 326 34.29 4.47 -9.16
N ASP A 327 33.69 4.63 -7.98
CA ASP A 327 33.69 3.60 -6.94
C ASP A 327 33.26 2.23 -7.42
N ALA A 328 32.28 2.17 -8.32
CA ALA A 328 31.68 0.88 -8.67
C ALA A 328 32.21 0.31 -9.99
N GLN A 329 33.33 0.82 -10.47
CA GLN A 329 33.80 0.42 -11.79
C GLN A 329 34.10 -1.08 -11.86
N ASP A 330 34.67 -1.64 -10.78
CA ASP A 330 35.04 -3.05 -10.83
C ASP A 330 33.81 -3.95 -10.81
N ILE A 331 32.74 -3.51 -10.12
CA ILE A 331 31.50 -4.27 -10.10
C ILE A 331 30.87 -4.27 -11.49
N LEU A 332 30.85 -3.10 -12.12
CA LEU A 332 30.34 -2.97 -13.48
C LEU A 332 31.17 -3.80 -14.46
N ASP A 333 32.50 -3.81 -14.30
CA ASP A 333 33.36 -4.64 -15.14
C ASP A 333 32.99 -6.12 -15.03
N THR A 334 32.75 -6.59 -13.80
CA THR A 334 32.40 -8.00 -13.61
C THR A 334 31.05 -8.32 -14.24
N LEU A 335 30.06 -7.43 -14.05
CA LEU A 335 28.78 -7.58 -14.73
C LEU A 335 28.97 -7.73 -16.24
N GLU A 336 29.81 -6.87 -16.82
CA GLU A 336 29.93 -6.90 -18.27
C GLU A 336 30.67 -8.15 -18.73
N ASP A 337 31.63 -8.63 -17.94
CA ASP A 337 32.29 -9.89 -18.29
C ASP A 337 31.31 -11.05 -18.24
N ASN A 338 30.45 -11.07 -17.22
CA ASN A 338 29.51 -12.17 -17.03
C ASN A 338 28.46 -12.19 -18.13
N ARG A 339 28.02 -11.00 -18.57
CA ARG A 339 27.16 -10.90 -19.73
C ARG A 339 27.81 -11.52 -20.95
N GLU A 340 29.06 -11.16 -21.23
CA GLU A 340 29.72 -11.76 -22.39
C GLU A 340 29.87 -13.26 -22.23
N TRP A 341 30.09 -13.75 -21.00
CA TRP A 341 30.20 -15.20 -20.84
C TRP A 341 28.88 -15.89 -21.16
N TYR A 342 27.76 -15.45 -20.54
CA TYR A 342 26.48 -16.08 -20.87
C TYR A 342 26.17 -15.95 -22.37
N GLN A 343 26.43 -14.78 -22.96
CA GLN A 343 26.22 -14.64 -24.39
C GLN A 343 27.02 -15.68 -25.17
N SER A 344 28.25 -15.94 -24.74
CA SER A 344 29.09 -16.89 -25.47
C SER A 344 28.56 -18.31 -25.41
N THR A 345 27.70 -18.65 -24.44
CA THR A 345 27.15 -20.00 -24.38
C THR A 345 25.97 -20.20 -25.32
N ILE A 346 25.38 -19.13 -25.85
CA ILE A 346 24.25 -19.25 -26.77
C ILE A 346 24.71 -19.92 -28.06
N VAL B 27 -44.77 2.90 3.79
CA VAL B 27 -44.15 2.71 5.10
C VAL B 27 -42.62 2.88 4.88
N LEU B 28 -41.84 1.82 5.01
CA LEU B 28 -40.47 1.91 4.52
C LEU B 28 -40.44 2.10 3.01
N ALA B 29 -41.49 1.61 2.33
CA ALA B 29 -41.53 1.70 0.87
C ALA B 29 -41.69 3.15 0.39
N LYS B 30 -42.47 3.95 1.13
CA LYS B 30 -42.71 5.33 0.69
C LYS B 30 -41.43 6.15 0.75
N GLU B 31 -40.66 6.01 1.82
CA GLU B 31 -39.40 6.74 1.94
C GLU B 31 -38.44 6.39 0.82
N LEU B 32 -38.43 5.12 0.39
CA LEU B 32 -37.49 4.71 -0.63
C LEU B 32 -37.83 5.28 -2.00
N GLU B 33 -38.98 5.94 -2.13
CA GLU B 33 -39.37 6.52 -3.41
C GLU B 33 -38.40 7.60 -3.86
N ASP B 34 -37.79 8.33 -2.91
CA ASP B 34 -36.86 9.40 -3.25
C ASP B 34 -35.39 8.98 -3.18
N VAL B 35 -35.10 7.71 -3.47
CA VAL B 35 -33.70 7.27 -3.55
C VAL B 35 -32.92 8.06 -4.58
N ASN B 36 -33.62 8.70 -5.53
CA ASN B 36 -32.97 9.51 -6.54
C ASN B 36 -32.83 10.97 -6.14
N LYS B 37 -33.17 11.32 -4.91
CA LYS B 37 -33.09 12.71 -4.44
C LYS B 37 -32.00 12.86 -3.40
N TRP B 38 -31.21 13.91 -3.56
CA TRP B 38 -30.34 14.40 -2.49
C TRP B 38 -31.18 14.75 -1.27
N GLY B 39 -30.81 14.19 -0.12
CA GLY B 39 -31.55 14.43 1.10
C GLY B 39 -32.60 13.40 1.43
N LEU B 40 -32.46 12.18 0.91
CA LEU B 40 -33.17 11.01 1.39
C LEU B 40 -33.16 10.98 2.91
N HIS B 41 -34.27 10.54 3.51
CA HIS B 41 -34.40 10.46 4.97
C HIS B 41 -33.78 9.16 5.47
N VAL B 42 -32.44 9.12 5.42
CA VAL B 42 -31.72 7.88 5.68
C VAL B 42 -31.86 7.43 7.13
N PHE B 43 -32.00 8.35 8.08
CA PHE B 43 -32.15 7.93 9.46
C PHE B 43 -33.53 7.30 9.70
N ARG B 44 -34.57 7.88 9.09
CA ARG B 44 -35.89 7.26 9.14
C ARG B 44 -35.86 5.87 8.50
N ILE B 45 -35.16 5.73 7.38
CA ILE B 45 -35.05 4.43 6.71
C ILE B 45 -34.30 3.44 7.58
N ALA B 46 -33.24 3.90 8.27
CA ALA B 46 -32.54 3.04 9.23
C ALA B 46 -33.49 2.53 10.31
N GLU B 47 -34.30 3.42 10.88
CA GLU B 47 -35.30 3.03 11.87
C GLU B 47 -36.36 2.11 11.27
N LEU B 48 -36.96 2.50 10.14
CA LEU B 48 -38.08 1.75 9.60
C LEU B 48 -37.70 0.38 9.04
N SER B 49 -36.41 0.11 8.82
CA SER B 49 -35.96 -1.16 8.29
C SER B 49 -35.35 -2.07 9.35
N GLY B 50 -35.49 -1.76 10.63
CA GLY B 50 -34.87 -2.54 11.68
C GLY B 50 -33.35 -2.53 11.65
N ASN B 51 -32.77 -1.35 11.49
CA ASN B 51 -31.32 -1.15 11.38
C ASN B 51 -30.72 -1.94 10.22
N ARG B 52 -31.41 -1.91 9.07
CA ARG B 52 -30.86 -2.47 7.83
C ARG B 52 -30.89 -1.46 6.69
N PRO B 53 -30.41 -0.22 6.92
CA PRO B 53 -30.47 0.77 5.81
C PRO B 53 -29.58 0.42 4.64
N LEU B 54 -28.38 -0.10 4.90
CA LEU B 54 -27.49 -0.44 3.80
C LEU B 54 -28.12 -1.51 2.90
N THR B 55 -28.74 -2.52 3.50
CA THR B 55 -29.35 -3.58 2.70
C THR B 55 -30.51 -3.06 1.86
N VAL B 56 -31.47 -2.33 2.46
CA VAL B 56 -32.63 -1.94 1.67
C VAL B 56 -32.28 -0.85 0.66
N ILE B 57 -31.32 0.03 0.98
CA ILE B 57 -30.96 1.07 0.02
C ILE B 57 -30.19 0.48 -1.15
N MET B 58 -29.23 -0.41 -0.86
CA MET B 58 -28.49 -1.10 -1.92
C MET B 58 -29.45 -1.84 -2.86
N HIS B 59 -30.37 -2.60 -2.28
CA HIS B 59 -31.32 -3.37 -3.11
C HIS B 59 -32.16 -2.43 -3.97
N THR B 60 -32.64 -1.34 -3.38
CA THR B 60 -33.46 -0.42 -4.16
C THR B 60 -32.66 0.17 -5.33
N ILE B 61 -31.39 0.50 -5.09
CA ILE B 61 -30.59 1.15 -6.13
C ILE B 61 -30.26 0.15 -7.23
N PHE B 62 -30.03 -1.11 -6.87
CA PHE B 62 -29.69 -2.10 -7.87
C PHE B 62 -30.84 -2.33 -8.84
N GLN B 63 -32.07 -2.13 -8.41
CA GLN B 63 -33.21 -2.26 -9.31
C GLN B 63 -33.50 -1.00 -10.12
N GLU B 64 -33.30 0.18 -9.53
CA GLU B 64 -33.47 1.40 -10.32
C GLU B 64 -32.48 1.46 -11.47
N ARG B 65 -31.29 0.87 -11.30
CA ARG B 65 -30.27 0.87 -12.34
C ARG B 65 -30.23 -0.44 -13.13
N ASP B 66 -31.15 -1.37 -12.85
CA ASP B 66 -31.23 -2.65 -13.56
C ASP B 66 -29.92 -3.42 -13.50
N LEU B 67 -29.26 -3.38 -12.34
CA LEU B 67 -27.96 -4.04 -12.20
C LEU B 67 -28.11 -5.54 -12.00
N LEU B 68 -29.20 -6.00 -11.38
CA LEU B 68 -29.36 -7.44 -11.18
C LEU B 68 -29.56 -8.17 -12.51
N LYS B 69 -30.28 -7.52 -13.44
CA LYS B 69 -30.45 -8.12 -14.76
C LYS B 69 -29.19 -7.97 -15.60
N THR B 70 -28.55 -6.80 -15.57
CA THR B 70 -27.38 -6.57 -16.40
C THR B 70 -26.26 -7.55 -16.06
N PHE B 71 -26.04 -7.83 -14.79
CA PHE B 71 -24.94 -8.69 -14.38
C PHE B 71 -25.41 -10.04 -13.85
N LYS B 72 -26.68 -10.37 -14.01
CA LYS B 72 -27.24 -11.67 -13.64
C LYS B 72 -26.86 -12.04 -12.20
N ILE B 73 -27.33 -11.21 -11.28
CA ILE B 73 -27.06 -11.37 -9.85
C ILE B 73 -28.28 -12.01 -9.21
N PRO B 74 -28.17 -13.20 -8.62
CA PRO B 74 -29.32 -13.80 -7.95
C PRO B 74 -29.75 -12.94 -6.76
N VAL B 75 -31.04 -12.55 -6.74
CA VAL B 75 -31.50 -11.60 -5.73
C VAL B 75 -31.20 -12.12 -4.33
N ASP B 76 -31.40 -13.42 -4.11
CA ASP B 76 -31.12 -13.99 -2.78
C ASP B 76 -29.65 -13.88 -2.44
N THR B 77 -28.77 -14.05 -3.43
CA THR B 77 -27.34 -13.85 -3.20
C THR B 77 -27.03 -12.39 -2.88
N LEU B 78 -27.71 -11.46 -3.56
CA LEU B 78 -27.50 -10.04 -3.27
C LEU B 78 -27.91 -9.73 -1.84
N ILE B 79 -29.03 -10.29 -1.38
CA ILE B 79 -29.52 -10.00 -0.03
C ILE B 79 -28.63 -10.64 1.02
N THR B 80 -28.21 -11.89 0.79
CA THR B 80 -27.33 -12.57 1.75
C THR B 80 -26.00 -11.84 1.93
N TYR B 81 -25.41 -11.38 0.82
CA TYR B 81 -24.17 -10.63 0.93
C TYR B 81 -24.38 -9.30 1.64
N LEU B 82 -25.43 -8.56 1.27
CA LEU B 82 -25.67 -7.25 1.86
C LEU B 82 -25.89 -7.35 3.36
N MET B 83 -26.68 -8.34 3.80
CA MET B 83 -26.90 -8.56 5.22
C MET B 83 -25.59 -8.83 5.94
N THR B 84 -24.76 -9.69 5.36
CA THR B 84 -23.46 -10.02 5.94
C THR B 84 -22.54 -8.80 5.99
N LEU B 85 -22.49 -8.04 4.90
CA LEU B 85 -21.69 -6.81 4.88
C LEU B 85 -22.18 -5.85 5.96
N GLU B 86 -23.49 -5.62 6.02
CA GLU B 86 -24.04 -4.72 7.03
C GLU B 86 -23.68 -5.17 8.44
N ASP B 87 -23.70 -6.49 8.69
CA ASP B 87 -23.35 -7.03 9.99
C ASP B 87 -21.92 -6.69 10.40
N HIS B 88 -21.01 -6.48 9.43
CA HIS B 88 -19.64 -6.19 9.79
C HIS B 88 -19.36 -4.70 9.94
N TYR B 89 -20.37 -3.84 9.84
CA TYR B 89 -20.28 -2.49 10.38
C TYR B 89 -20.61 -2.55 11.87
N HIS B 90 -19.91 -1.74 12.67
CA HIS B 90 -20.07 -1.79 14.12
C HIS B 90 -21.26 -0.97 14.58
N ALA B 91 -22.14 -1.59 15.35
CA ALA B 91 -23.32 -0.89 15.84
C ALA B 91 -23.02 0.09 16.98
N ASP B 92 -21.87 -0.02 17.63
CA ASP B 92 -21.51 0.88 18.72
C ASP B 92 -20.56 1.98 18.29
N VAL B 93 -20.41 2.22 16.99
CA VAL B 93 -19.60 3.32 16.47
C VAL B 93 -20.60 4.36 15.98
N ALA B 94 -20.49 5.61 16.48
CA ALA B 94 -21.60 6.56 16.30
C ALA B 94 -21.69 7.08 14.88
N TYR B 95 -20.57 7.13 14.15
CA TYR B 95 -20.57 7.69 12.80
C TYR B 95 -20.29 6.62 11.74
N HIS B 96 -19.11 5.98 11.81
CA HIS B 96 -18.69 5.06 10.75
C HIS B 96 -19.38 3.70 10.89
N ASN B 97 -20.70 3.73 10.72
CA ASN B 97 -21.51 2.54 10.84
C ASN B 97 -22.26 2.31 9.53
N ASN B 98 -23.20 1.39 9.58
CA ASN B 98 -23.97 1.02 8.39
C ASN B 98 -24.85 2.16 7.88
N ILE B 99 -25.26 3.10 8.73
CA ILE B 99 -26.06 4.22 8.23
C ILE B 99 -25.20 5.12 7.36
N HIS B 100 -23.97 5.40 7.80
CA HIS B 100 -23.02 6.13 6.96
C HIS B 100 -22.82 5.41 5.63
N ALA B 101 -22.59 4.10 5.67
CA ALA B 101 -22.38 3.36 4.42
C ALA B 101 -23.57 3.50 3.48
N ALA B 102 -24.78 3.47 4.04
CA ALA B 102 -25.97 3.59 3.19
C ALA B 102 -26.07 4.99 2.60
N ASP B 103 -25.70 6.01 3.38
CA ASP B 103 -25.73 7.39 2.92
C ASP B 103 -24.73 7.62 1.79
N VAL B 104 -23.51 7.08 1.90
CA VAL B 104 -22.52 7.29 0.84
C VAL B 104 -22.95 6.56 -0.42
N VAL B 105 -23.53 5.38 -0.24
CA VAL B 105 -24.04 4.63 -1.39
C VAL B 105 -25.11 5.45 -2.11
N GLN B 106 -26.03 6.03 -1.35
CA GLN B 106 -27.13 6.73 -1.99
C GLN B 106 -26.65 8.03 -2.62
N SER B 107 -25.70 8.71 -1.99
CA SER B 107 -25.15 9.93 -2.54
C SER B 107 -24.37 9.68 -3.83
N THR B 108 -23.56 8.63 -3.87
CA THR B 108 -22.91 8.24 -5.12
C THR B 108 -23.92 7.92 -6.20
N HIS B 109 -25.00 7.23 -5.81
CA HIS B 109 -26.01 6.89 -6.78
C HIS B 109 -26.62 8.16 -7.42
N VAL B 110 -26.79 9.22 -6.62
CA VAL B 110 -27.33 10.45 -7.19
C VAL B 110 -26.28 11.16 -8.03
N LEU B 111 -25.03 11.15 -7.58
CA LEU B 111 -23.97 11.82 -8.34
C LEU B 111 -23.73 11.14 -9.68
N LEU B 112 -23.97 9.83 -9.76
CA LEU B 112 -23.77 9.12 -11.02
C LEU B 112 -24.78 9.56 -12.06
N SER B 113 -25.88 10.18 -11.64
CA SER B 113 -26.92 10.65 -12.53
C SER B 113 -26.82 12.12 -12.86
N THR B 114 -25.72 12.78 -12.49
CA THR B 114 -25.45 14.15 -12.92
C THR B 114 -25.60 14.26 -14.43
N PRO B 115 -26.29 15.29 -14.96
CA PRO B 115 -26.43 15.38 -16.43
C PRO B 115 -25.09 15.50 -17.17
N ALA B 116 -24.15 16.30 -16.65
CA ALA B 116 -22.86 16.44 -17.31
C ALA B 116 -22.06 15.15 -17.37
N LEU B 117 -22.54 14.08 -16.71
CA LEU B 117 -21.95 12.75 -16.76
C LEU B 117 -22.89 11.74 -17.41
N GLU B 118 -23.83 12.21 -18.23
CA GLU B 118 -24.95 11.38 -18.68
C GLU B 118 -24.51 10.15 -19.46
N ALA B 119 -23.35 10.17 -20.09
CA ALA B 119 -22.86 9.00 -20.80
C ALA B 119 -21.48 8.53 -20.37
N VAL B 120 -20.81 9.21 -19.44
CA VAL B 120 -19.36 9.01 -19.29
C VAL B 120 -19.05 7.56 -18.94
N PHE B 121 -19.68 7.01 -17.91
CA PHE B 121 -19.27 5.74 -17.32
C PHE B 121 -20.13 4.58 -17.81
N THR B 122 -19.48 3.43 -17.97
CA THR B 122 -20.13 2.20 -18.40
C THR B 122 -20.81 1.50 -17.22
N ASP B 123 -21.58 0.45 -17.52
CA ASP B 123 -22.33 -0.24 -16.47
C ASP B 123 -21.39 -0.89 -15.45
N LEU B 124 -20.24 -1.44 -15.88
CA LEU B 124 -19.31 -2.00 -14.91
C LEU B 124 -18.70 -0.92 -14.03
N GLU B 125 -18.44 0.27 -14.60
CA GLU B 125 -17.90 1.37 -13.81
C GLU B 125 -18.93 1.86 -12.80
N ILE B 126 -20.20 1.88 -13.21
CA ILE B 126 -21.30 2.21 -12.29
C ILE B 126 -21.36 1.19 -11.16
N LEU B 127 -21.35 -0.10 -11.51
CA LEU B 127 -21.32 -1.15 -10.51
C LEU B 127 -20.15 -0.98 -9.55
N ALA B 128 -18.96 -0.68 -10.07
CA ALA B 128 -17.78 -0.52 -9.20
C ALA B 128 -17.94 0.64 -8.22
N ALA B 129 -18.45 1.79 -8.69
CA ALA B 129 -18.59 2.94 -7.79
C ALA B 129 -19.58 2.68 -6.67
N ILE B 130 -20.62 1.90 -6.94
CA ILE B 130 -21.67 1.65 -5.97
C ILE B 130 -21.24 0.59 -4.96
N PHE B 131 -20.63 -0.50 -5.45
CA PHE B 131 -20.11 -1.52 -4.55
C PHE B 131 -19.03 -0.93 -3.66
N ALA B 132 -18.14 -0.12 -4.24
CA ALA B 132 -17.10 0.51 -3.44
C ALA B 132 -17.69 1.35 -2.32
N SER B 133 -18.73 2.14 -2.63
CA SER B 133 -19.38 2.95 -1.60
C SER B 133 -19.91 2.08 -0.46
N ALA B 134 -20.51 0.93 -0.81
CA ALA B 134 -21.14 0.08 0.20
C ALA B 134 -20.12 -0.51 1.16
N ILE B 135 -18.95 -0.90 0.64
CA ILE B 135 -17.94 -1.52 1.52
C ILE B 135 -16.94 -0.53 2.09
N HIS B 136 -17.01 0.77 1.74
CA HIS B 136 -15.80 1.60 1.86
C HIS B 136 -15.39 1.86 3.30
N ASP B 137 -16.27 1.61 4.31
CA ASP B 137 -15.88 1.77 5.71
C ASP B 137 -16.12 0.49 6.54
N VAL B 138 -16.26 -0.68 5.92
CA VAL B 138 -16.72 -1.85 6.68
C VAL B 138 -15.69 -2.22 7.76
N ASP B 139 -16.20 -2.61 8.93
CA ASP B 139 -15.38 -3.00 10.09
C ASP B 139 -14.57 -1.82 10.64
N HIS B 140 -15.04 -0.59 10.43
CA HIS B 140 -14.37 0.58 10.98
C HIS B 140 -14.45 0.56 12.51
N PRO B 141 -13.33 0.73 13.21
CA PRO B 141 -13.36 0.71 14.68
C PRO B 141 -13.71 2.03 15.35
N GLY B 142 -14.00 3.10 14.61
CA GLY B 142 -14.30 4.36 15.25
C GLY B 142 -13.11 5.20 15.65
N VAL B 143 -11.90 4.88 15.16
CA VAL B 143 -10.69 5.67 15.43
C VAL B 143 -9.95 5.89 14.10
N SER B 144 -9.12 6.91 14.07
CA SER B 144 -8.47 7.32 12.82
C SER B 144 -7.26 6.45 12.48
N ASN B 145 -6.78 6.61 11.24
CA ASN B 145 -5.53 5.96 10.84
C ASN B 145 -4.39 6.39 11.76
N GLN B 146 -4.30 7.68 12.06
CA GLN B 146 -3.20 8.16 12.89
C GLN B 146 -3.24 7.54 14.29
N PHE B 147 -4.43 7.38 14.86
CA PHE B 147 -4.56 6.70 16.13
C PHE B 147 -4.07 5.27 16.03
N LEU B 148 -4.50 4.55 14.98
CA LEU B 148 -4.07 3.16 14.80
C LEU B 148 -2.56 3.06 14.64
N ILE B 149 -1.96 4.04 13.94
CA ILE B 149 -0.50 4.04 13.76
C ILE B 149 0.20 4.34 15.08
N ASN B 150 -0.27 5.36 15.79
CA ASN B 150 0.46 5.80 16.97
C ASN B 150 0.29 4.84 18.15
N THR B 151 -0.70 3.96 18.12
CA THR B 151 -0.88 2.97 19.17
C THR B 151 -0.26 1.62 18.81
N ASN B 152 0.42 1.52 17.67
CA ASN B 152 1.04 0.26 17.26
C ASN B 152 0.01 -0.85 17.15
N SER B 153 -1.14 -0.53 16.59
CA SER B 153 -2.22 -1.48 16.43
C SER B 153 -1.83 -2.61 15.48
N GLU B 154 -2.53 -3.74 15.62
CA GLU B 154 -2.37 -4.84 14.69
C GLU B 154 -2.69 -4.41 13.26
N LEU B 155 -3.69 -3.55 13.06
CA LEU B 155 -4.00 -3.10 11.72
C LEU B 155 -2.85 -2.31 11.11
N ALA B 156 -2.23 -1.42 11.88
CA ALA B 156 -1.14 -0.62 11.33
C ALA B 156 0.11 -1.48 11.08
N LEU B 157 0.32 -2.51 11.92
CA LEU B 157 1.41 -3.46 11.67
C LEU B 157 1.16 -4.25 10.39
N MET B 158 -0.08 -4.70 10.17
CA MET B 158 -0.41 -5.45 8.96
C MET B 158 -0.19 -4.61 7.70
N TYR B 159 -0.59 -3.34 7.75
CA TYR B 159 -0.66 -2.50 6.54
C TYR B 159 0.45 -1.48 6.46
N ASN B 160 1.49 -1.58 7.30
CA ASN B 160 2.69 -0.73 7.19
C ASN B 160 2.34 0.76 7.19
N ASP B 161 1.39 1.12 8.04
CA ASP B 161 1.03 2.52 8.30
C ASP B 161 0.47 3.25 7.07
N SER B 162 0.11 2.52 6.00
CA SER B 162 -0.25 3.14 4.71
C SER B 162 -1.72 2.83 4.42
N SER B 163 -2.56 3.86 4.39
CA SER B 163 -4.02 3.70 4.20
C SER B 163 -4.57 2.52 4.99
N VAL B 164 -4.32 2.55 6.30
CA VAL B 164 -4.50 1.35 7.11
C VAL B 164 -5.96 0.92 7.10
N LEU B 165 -6.85 1.84 7.43
CA LEU B 165 -8.27 1.49 7.47
C LEU B 165 -8.77 1.09 6.10
N GLU B 166 -8.41 1.85 5.07
CA GLU B 166 -9.02 1.66 3.75
C GLU B 166 -8.58 0.32 3.14
N ASN B 167 -7.33 -0.08 3.39
CA ASN B 167 -6.90 -1.41 2.97
C ASN B 167 -7.73 -2.48 3.68
N HIS B 168 -8.01 -2.27 4.97
CA HIS B 168 -8.81 -3.22 5.72
C HIS B 168 -10.25 -3.27 5.24
N HIS B 169 -10.89 -2.10 5.01
CA HIS B 169 -12.26 -2.07 4.49
C HIS B 169 -12.37 -2.91 3.22
N LEU B 170 -11.43 -2.70 2.28
CA LEU B 170 -11.41 -3.49 1.05
C LEU B 170 -11.27 -4.98 1.33
N ALA B 171 -10.29 -5.36 2.17
CA ALA B 171 -10.02 -6.78 2.37
C ALA B 171 -11.25 -7.47 2.96
N VAL B 172 -11.92 -6.82 3.93
CA VAL B 172 -13.13 -7.40 4.53
C VAL B 172 -14.23 -7.46 3.49
N GLY B 173 -14.40 -6.38 2.73
CA GLY B 173 -15.48 -6.33 1.74
C GLY B 173 -15.39 -7.43 0.69
N PHE B 174 -14.18 -7.69 0.18
CA PHE B 174 -14.01 -8.76 -0.81
C PHE B 174 -14.06 -10.12 -0.13
N LYS B 175 -13.53 -10.24 1.09
CA LYS B 175 -13.48 -11.56 1.75
C LYS B 175 -14.89 -12.09 2.01
N LEU B 176 -15.83 -11.21 2.36
CA LEU B 176 -17.20 -11.62 2.61
C LEU B 176 -17.88 -12.22 1.38
N LEU B 177 -17.43 -11.86 0.17
CA LEU B 177 -17.94 -12.50 -1.03
C LEU B 177 -17.76 -14.02 -1.01
N GLN B 178 -16.84 -14.53 -0.20
CA GLN B 178 -16.54 -15.96 -0.23
C GLN B 178 -17.38 -16.76 0.74
N GLU B 179 -18.21 -16.11 1.55
CA GLU B 179 -19.09 -16.83 2.44
C GLU B 179 -20.24 -17.44 1.64
N GLU B 180 -20.98 -18.35 2.27
CA GLU B 180 -21.97 -19.14 1.57
C GLU B 180 -23.04 -18.27 0.91
N ASN B 181 -23.24 -18.49 -0.40
CA ASN B 181 -24.24 -17.79 -1.21
C ASN B 181 -24.06 -16.27 -1.14
N CYS B 182 -22.80 -15.82 -1.04
CA CYS B 182 -22.49 -14.40 -0.96
C CYS B 182 -21.80 -13.83 -2.21
N ASP B 183 -21.53 -14.65 -3.24
CA ASP B 183 -20.71 -14.19 -4.37
C ASP B 183 -21.59 -13.53 -5.41
N ILE B 184 -21.89 -12.24 -5.17
CA ILE B 184 -22.79 -11.52 -6.06
C ILE B 184 -22.19 -11.31 -7.45
N PHE B 185 -20.88 -11.51 -7.64
CA PHE B 185 -20.25 -11.40 -8.95
C PHE B 185 -20.02 -12.75 -9.62
N GLN B 186 -20.76 -13.78 -9.20
CA GLN B 186 -20.52 -15.13 -9.71
C GLN B 186 -20.71 -15.21 -11.22
N ASN B 187 -21.52 -14.33 -11.81
CA ASN B 187 -21.87 -14.45 -13.21
C ASN B 187 -21.17 -13.41 -14.10
N LEU B 188 -20.33 -12.57 -13.53
CA LEU B 188 -19.45 -11.74 -14.33
C LEU B 188 -18.37 -12.60 -14.99
N THR B 189 -17.96 -12.21 -16.20
CA THR B 189 -16.83 -12.85 -16.85
C THR B 189 -15.55 -12.66 -16.02
N LYS B 190 -14.56 -13.51 -16.28
CA LYS B 190 -13.28 -13.42 -15.57
C LYS B 190 -12.66 -12.04 -15.72
N LYS B 191 -12.76 -11.45 -16.92
CA LYS B 191 -12.19 -10.11 -17.13
C LYS B 191 -13.00 -9.06 -16.41
N GLN B 192 -14.33 -9.23 -16.40
CA GLN B 192 -15.17 -8.26 -15.70
C GLN B 192 -14.87 -8.26 -14.22
N ARG B 193 -14.68 -9.44 -13.62
CA ARG B 193 -14.35 -9.51 -12.20
C ARG B 193 -13.00 -8.85 -11.92
N GLN B 194 -12.00 -9.09 -12.78
CA GLN B 194 -10.68 -8.49 -12.55
C GLN B 194 -10.73 -6.96 -12.72
N SER B 195 -11.45 -6.47 -13.73
CA SER B 195 -11.61 -5.02 -13.91
C SER B 195 -12.41 -4.41 -12.76
N LEU B 196 -13.50 -5.05 -12.35
CA LEU B 196 -14.26 -4.53 -11.22
C LEU B 196 -13.42 -4.45 -9.97
N ARG B 197 -12.61 -5.49 -9.70
CA ARG B 197 -11.79 -5.50 -8.49
C ARG B 197 -10.82 -4.33 -8.48
N LYS B 198 -10.12 -4.11 -9.60
CA LYS B 198 -9.16 -3.01 -9.68
C LYS B 198 -9.83 -1.67 -9.40
N MET B 199 -10.97 -1.43 -10.04
CA MET B 199 -11.65 -0.14 -9.87
C MET B 199 -12.12 0.06 -8.45
N VAL B 200 -12.71 -0.96 -7.82
CA VAL B 200 -13.14 -0.86 -6.42
C VAL B 200 -11.96 -0.51 -5.52
N ILE B 201 -10.81 -1.17 -5.72
CA ILE B 201 -9.64 -0.88 -4.90
C ILE B 201 -9.18 0.56 -5.10
N ASP B 202 -9.06 0.99 -6.36
CA ASP B 202 -8.64 2.36 -6.66
C ASP B 202 -9.57 3.37 -6.01
N ILE B 203 -10.88 3.09 -5.99
CA ILE B 203 -11.84 4.03 -5.41
C ILE B 203 -11.77 4.05 -3.89
N VAL B 204 -11.80 2.87 -3.25
CA VAL B 204 -11.79 2.88 -1.78
C VAL B 204 -10.48 3.40 -1.23
N LEU B 205 -9.34 3.08 -1.87
CA LEU B 205 -8.10 3.65 -1.38
C LEU B 205 -8.12 5.17 -1.43
N ALA B 206 -8.85 5.75 -2.40
CA ALA B 206 -8.87 7.19 -2.54
C ALA B 206 -9.75 7.86 -1.49
N THR B 207 -10.48 7.09 -0.67
CA THR B 207 -11.25 7.69 0.41
C THR B 207 -10.40 7.97 1.64
N ASP B 208 -9.14 7.54 1.65
CA ASP B 208 -8.22 7.93 2.70
C ASP B 208 -8.08 9.45 2.73
N MET B 209 -8.37 10.05 3.90
CA MET B 209 -8.40 11.50 4.00
C MET B 209 -7.04 12.15 3.76
N SER B 210 -5.96 11.38 3.93
CA SER B 210 -4.65 11.95 3.67
C SER B 210 -4.39 12.18 2.18
N LYS B 211 -5.19 11.60 1.30
CA LYS B 211 -5.08 11.78 -0.15
C LYS B 211 -5.93 12.95 -0.68
N HIS B 212 -6.64 13.65 0.21
CA HIS B 212 -7.64 14.62 -0.23
C HIS B 212 -7.03 15.72 -1.10
N MET B 213 -5.92 16.31 -0.65
CA MET B 213 -5.34 17.42 -1.41
C MET B 213 -4.87 16.97 -2.80
N ASN B 214 -4.25 15.79 -2.88
CA ASN B 214 -3.80 15.28 -4.17
C ASN B 214 -4.98 15.00 -5.09
N LEU B 215 -6.04 14.42 -4.53
CA LEU B 215 -7.26 14.16 -5.29
C LEU B 215 -7.85 15.47 -5.81
N LEU B 216 -7.97 16.46 -4.93
CA LEU B 216 -8.54 17.76 -5.31
C LEU B 216 -7.69 18.45 -6.38
N ALA B 217 -6.36 18.39 -6.24
CA ALA B 217 -5.47 18.94 -7.26
C ALA B 217 -5.72 18.32 -8.62
N ASP B 218 -5.95 17.00 -8.65
CA ASP B 218 -6.22 16.32 -9.92
C ASP B 218 -7.56 16.73 -10.49
N LEU B 219 -8.57 16.85 -9.63
CA LEU B 219 -9.87 17.32 -10.08
C LEU B 219 -9.78 18.75 -10.62
N LYS B 220 -8.96 19.60 -9.97
CA LYS B 220 -8.78 20.97 -10.44
C LYS B 220 -8.14 20.97 -11.83
N THR B 221 -7.06 20.20 -11.98
CA THR B 221 -6.39 20.09 -13.28
C THR B 221 -7.37 19.61 -14.34
N MET B 222 -8.18 18.60 -14.03
CA MET B 222 -9.17 18.14 -14.98
C MET B 222 -10.13 19.26 -15.36
N VAL B 223 -10.57 20.07 -14.37
CA VAL B 223 -11.48 21.17 -14.67
C VAL B 223 -10.81 22.16 -15.63
N GLU B 224 -9.51 22.44 -15.43
CA GLU B 224 -8.82 23.40 -16.28
C GLU B 224 -8.68 22.88 -17.71
N THR B 225 -8.39 21.58 -17.86
CA THR B 225 -8.29 20.91 -19.15
C THR B 225 -9.60 20.29 -19.61
N LYS B 226 -10.71 20.69 -18.98
CA LYS B 226 -12.03 20.15 -19.28
C LYS B 226 -12.34 20.20 -20.77
N LYS B 227 -12.69 19.05 -21.34
CA LYS B 227 -13.29 18.97 -22.68
C LYS B 227 -14.74 18.53 -22.55
N VAL B 228 -15.65 19.22 -23.25
CA VAL B 228 -17.07 18.92 -23.19
C VAL B 228 -17.68 19.02 -24.58
N THR B 229 -18.81 18.33 -24.76
CA THR B 229 -19.56 18.38 -26.02
C THR B 229 -20.13 19.78 -26.28
N VAL B 233 -21.40 18.23 -22.06
CA VAL B 233 -21.27 16.92 -21.41
C VAL B 233 -19.79 16.49 -21.42
N LEU B 234 -19.34 15.97 -20.28
CA LEU B 234 -17.94 15.65 -20.07
C LEU B 234 -17.46 14.53 -20.99
N LEU B 235 -16.29 14.74 -21.58
CA LEU B 235 -15.65 13.73 -22.42
C LEU B 235 -14.38 13.29 -21.72
N LEU B 236 -14.37 12.05 -21.21
CA LEU B 236 -13.20 11.50 -20.56
C LEU B 236 -12.74 10.27 -21.34
N ASP B 237 -11.55 10.33 -21.88
CA ASP B 237 -11.20 9.29 -22.81
C ASP B 237 -10.39 8.16 -22.21
N ASN B 238 -9.48 8.44 -21.28
CA ASN B 238 -8.59 7.38 -20.80
C ASN B 238 -8.98 6.98 -19.38
N TYR B 239 -8.72 5.71 -19.06
CA TYR B 239 -9.07 5.16 -17.75
C TYR B 239 -8.60 6.07 -16.63
N SER B 240 -7.42 6.66 -16.77
CA SER B 240 -6.84 7.49 -15.71
C SER B 240 -7.75 8.67 -15.38
N ASP B 241 -8.30 9.32 -16.40
CA ASP B 241 -9.25 10.40 -16.14
C ASP B 241 -10.56 9.86 -15.58
N ARG B 242 -11.05 8.74 -16.11
CA ARG B 242 -12.33 8.21 -15.62
C ARG B 242 -12.22 7.70 -14.19
N ILE B 243 -11.13 7.03 -13.83
CA ILE B 243 -11.05 6.56 -12.44
C ILE B 243 -10.92 7.74 -11.49
N GLN B 244 -10.23 8.81 -11.91
CA GLN B 244 -10.10 10.02 -11.09
C GLN B 244 -11.45 10.65 -10.81
N VAL B 245 -12.34 10.70 -11.80
CA VAL B 245 -13.67 11.25 -11.55
C VAL B 245 -14.44 10.36 -10.58
N LEU B 246 -14.25 9.04 -10.69
CA LEU B 246 -14.96 8.13 -9.78
C LEU B 246 -14.41 8.25 -8.36
N GLN B 247 -13.09 8.31 -8.23
CA GLN B 247 -12.47 8.57 -6.93
C GLN B 247 -13.01 9.85 -6.32
N ASN B 248 -12.98 10.95 -7.06
CA ASN B 248 -13.48 12.21 -6.51
C ASN B 248 -14.98 12.18 -6.25
N MET B 249 -15.73 11.41 -7.04
CA MET B 249 -17.17 11.32 -6.83
C MET B 249 -17.50 10.64 -5.49
N VAL B 250 -16.91 9.46 -5.25
CA VAL B 250 -17.18 8.78 -3.99
C VAL B 250 -16.61 9.58 -2.83
N HIS B 251 -15.50 10.27 -3.06
CA HIS B 251 -14.96 11.16 -2.04
C HIS B 251 -15.96 12.27 -1.71
N CYS B 252 -16.56 12.85 -2.76
CA CYS B 252 -17.60 13.87 -2.53
C CYS B 252 -18.78 13.30 -1.75
N ALA B 253 -19.23 12.09 -2.10
CA ALA B 253 -20.30 11.44 -1.37
C ALA B 253 -19.92 11.21 0.10
N ASP B 254 -18.69 10.73 0.33
CA ASP B 254 -18.16 10.55 1.69
C ASP B 254 -18.18 11.87 2.46
N LEU B 255 -17.88 12.98 1.79
CA LEU B 255 -17.86 14.29 2.44
C LEU B 255 -19.08 15.11 2.08
N SER B 256 -20.25 14.50 2.02
CA SER B 256 -21.44 15.23 1.59
C SER B 256 -22.34 15.70 2.73
N ASN B 257 -22.07 15.30 3.99
CA ASN B 257 -22.97 15.67 5.09
C ASN B 257 -23.30 17.17 5.11
N PRO B 258 -22.34 18.10 4.97
CA PRO B 258 -22.72 19.53 5.05
C PRO B 258 -23.48 20.05 3.84
N THR B 259 -23.64 19.26 2.78
CA THR B 259 -24.42 19.66 1.62
C THR B 259 -25.86 19.16 1.69
N LYS B 260 -26.22 18.39 2.72
CA LYS B 260 -27.56 17.83 2.89
C LYS B 260 -28.47 18.79 3.62
N PRO B 261 -29.78 18.54 3.60
CA PRO B 261 -30.71 19.37 4.40
C PRO B 261 -30.28 19.40 5.87
N LEU B 262 -30.52 20.54 6.50
CA LEU B 262 -29.89 20.83 7.78
C LEU B 262 -30.23 19.81 8.86
N GLN B 263 -31.48 19.32 8.89
CA GLN B 263 -31.85 18.36 9.93
C GLN B 263 -31.05 17.07 9.79
N LEU B 264 -30.64 16.72 8.57
CA LEU B 264 -29.75 15.58 8.36
C LEU B 264 -28.33 15.91 8.77
N TYR B 265 -27.81 17.03 8.25
CA TYR B 265 -26.44 17.47 8.55
C TYR B 265 -26.23 17.54 10.06
N ARG B 266 -27.18 18.11 10.80
CA ARG B 266 -26.95 18.27 12.24
C ARG B 266 -26.85 16.93 12.95
N GLN B 267 -27.57 15.92 12.48
CA GLN B 267 -27.43 14.58 13.04
C GLN B 267 -26.05 14.00 12.73
N TRP B 268 -25.56 14.18 11.50
CA TRP B 268 -24.22 13.67 11.20
C TRP B 268 -23.16 14.35 12.07
N THR B 269 -23.33 15.65 12.31
CA THR B 269 -22.39 16.37 13.16
C THR B 269 -22.39 15.80 14.59
N ASP B 270 -23.57 15.58 15.16
CA ASP B 270 -23.65 14.98 16.49
C ASP B 270 -22.92 13.64 16.54
N ARG B 271 -23.05 12.86 15.47
CA ARG B 271 -22.46 11.53 15.45
C ARG B 271 -20.95 11.58 15.30
N ILE B 272 -20.43 12.40 14.37
CA ILE B 272 -18.96 12.45 14.25
C ILE B 272 -18.33 13.03 15.50
N MET B 273 -18.98 13.98 16.16
CA MET B 273 -18.37 14.55 17.37
C MET B 273 -18.35 13.55 18.51
N GLU B 274 -19.38 12.71 18.64
CA GLU B 274 -19.32 11.64 19.63
C GLU B 274 -18.15 10.70 19.33
N GLU B 275 -17.96 10.34 18.06
CA GLU B 275 -16.86 9.45 17.72
C GLU B 275 -15.51 10.11 17.98
N PHE B 276 -15.33 11.37 17.56
CA PHE B 276 -14.11 12.11 17.86
C PHE B 276 -13.86 12.18 19.38
N PHE B 277 -14.88 12.54 20.17
CA PHE B 277 -14.64 12.70 21.60
C PHE B 277 -14.26 11.38 22.26
N ARG B 278 -14.85 10.27 21.82
CA ARG B 278 -14.44 8.97 22.37
C ARG B 278 -13.00 8.65 21.98
N GLN B 279 -12.58 9.00 20.76
CA GLN B 279 -11.16 8.77 20.43
C GLN B 279 -10.25 9.65 21.29
N GLY B 280 -10.64 10.92 21.50
CA GLY B 280 -9.81 11.80 22.32
C GLY B 280 -9.75 11.38 23.78
N ASP B 281 -10.83 10.77 24.28
CA ASP B 281 -10.76 10.23 25.64
C ASP B 281 -9.69 9.13 25.70
N ARG B 282 -9.56 8.35 24.62
CA ARG B 282 -8.54 7.30 24.62
C ARG B 282 -7.14 7.87 24.44
N GLU B 283 -7.00 8.95 23.65
CA GLU B 283 -5.69 9.57 23.50
C GLU B 283 -5.25 10.27 24.78
N ARG B 284 -6.15 11.00 25.44
CA ARG B 284 -5.79 11.65 26.70
C ARG B 284 -5.29 10.63 27.70
N GLU B 285 -6.04 9.54 27.89
CA GLU B 285 -5.66 8.56 28.89
C GLU B 285 -4.29 7.97 28.57
N ARG B 286 -4.08 7.57 27.32
CA ARG B 286 -2.82 6.96 26.93
C ARG B 286 -1.65 7.95 26.96
N GLY B 287 -1.92 9.24 27.16
CA GLY B 287 -0.85 10.21 27.21
C GLY B 287 -0.44 10.77 25.87
N MET B 288 -1.22 10.54 24.83
CA MET B 288 -0.87 11.03 23.52
C MET B 288 -1.43 12.42 23.31
N GLU B 289 -0.85 13.13 22.34
CA GLU B 289 -1.46 14.37 21.90
C GLU B 289 -2.87 14.06 21.44
N ILE B 290 -3.82 14.89 21.85
CA ILE B 290 -5.20 14.72 21.43
C ILE B 290 -5.34 15.21 20.00
N SER B 291 -5.97 14.40 19.16
CA SER B 291 -6.19 14.77 17.77
C SER B 291 -7.06 16.01 17.66
N PRO B 292 -6.91 16.79 16.59
CA PRO B 292 -7.76 17.97 16.40
C PRO B 292 -9.24 17.60 16.46
N MET B 293 -10.01 18.44 17.15
CA MET B 293 -11.46 18.31 17.30
C MET B 293 -11.88 17.18 18.22
N CYS B 294 -10.93 16.49 18.87
CA CYS B 294 -11.23 15.31 19.67
C CYS B 294 -11.23 15.58 21.17
N ASP B 295 -10.95 16.81 21.62
CA ASP B 295 -10.88 17.14 23.04
C ASP B 295 -12.23 17.73 23.46
N LYS B 296 -13.04 16.91 24.12
CA LYS B 296 -14.36 17.36 24.56
C LYS B 296 -14.30 18.55 25.52
N HIS B 297 -13.19 18.74 26.22
CA HIS B 297 -13.06 19.86 27.15
C HIS B 297 -12.56 21.14 26.49
N ASN B 298 -12.30 21.12 25.18
CA ASN B 298 -11.83 22.31 24.48
C ASN B 298 -12.42 22.49 23.08
N ALA B 299 -13.18 21.54 22.55
CA ALA B 299 -13.62 21.65 21.16
C ALA B 299 -14.83 22.56 21.03
N SER B 300 -14.88 23.33 19.94
CA SER B 300 -16.07 24.07 19.55
C SER B 300 -16.69 23.35 18.35
N VAL B 301 -17.80 22.67 18.60
CA VAL B 301 -18.45 21.88 17.54
C VAL B 301 -18.76 22.77 16.34
N GLU B 302 -19.30 23.96 16.60
CA GLU B 302 -19.77 24.82 15.52
C GLU B 302 -18.61 25.46 14.75
N LYS B 303 -17.59 25.94 15.48
CA LYS B 303 -16.40 26.44 14.80
C LYS B 303 -15.76 25.36 13.93
N SER B 304 -15.72 24.13 14.43
CA SER B 304 -15.13 23.04 13.67
C SER B 304 -15.89 22.78 12.38
N GLN B 305 -17.23 22.86 12.43
CA GLN B 305 -18.01 22.67 11.20
C GLN B 305 -17.73 23.76 10.18
N VAL B 306 -17.67 25.02 10.63
CA VAL B 306 -17.40 26.12 9.71
C VAL B 306 -16.01 25.96 9.09
N GLY B 307 -15.02 25.65 9.92
CA GLY B 307 -13.67 25.41 9.39
C GLY B 307 -13.62 24.23 8.45
N PHE B 308 -14.35 23.16 8.80
CA PHE B 308 -14.45 21.97 7.94
C PHE B 308 -14.99 22.35 6.56
N ILE B 309 -16.05 23.14 6.53
CA ILE B 309 -16.64 23.57 5.26
C ILE B 309 -15.67 24.45 4.49
N ASP B 310 -15.11 25.47 5.16
CA ASP B 310 -14.29 26.45 4.45
C ASP B 310 -13.02 25.84 3.89
N TYR B 311 -12.42 24.87 4.59
CA TYR B 311 -11.10 24.39 4.19
C TYR B 311 -11.13 23.09 3.40
N ILE B 312 -12.19 22.29 3.54
CA ILE B 312 -12.26 20.95 2.95
C ILE B 312 -13.48 20.79 2.04
N VAL B 313 -14.69 20.96 2.61
CA VAL B 313 -15.89 20.51 1.90
C VAL B 313 -16.24 21.45 0.76
N HIS B 314 -16.19 22.77 1.03
CA HIS B 314 -16.54 23.73 -0.02
C HIS B 314 -15.50 23.79 -1.12
N PRO B 315 -14.18 23.89 -0.86
CA PRO B 315 -13.23 23.80 -1.98
C PRO B 315 -13.45 22.56 -2.83
N LEU B 316 -13.73 21.41 -2.20
CA LEU B 316 -13.99 20.19 -2.97
C LEU B 316 -15.27 20.30 -3.78
N TRP B 317 -16.40 20.66 -3.14
CA TRP B 317 -17.65 20.69 -3.87
C TRP B 317 -17.71 21.84 -4.88
N GLU B 318 -16.97 22.93 -4.62
CA GLU B 318 -16.87 24.02 -5.59
C GLU B 318 -16.18 23.53 -6.86
N THR B 319 -15.12 22.75 -6.70
CA THR B 319 -14.40 22.23 -7.86
C THR B 319 -15.23 21.19 -8.59
N TRP B 320 -15.88 20.29 -7.83
CA TRP B 320 -16.83 19.37 -8.45
C TRP B 320 -17.91 20.12 -9.22
N ALA B 321 -18.49 21.16 -8.60
CA ALA B 321 -19.51 21.93 -9.30
C ALA B 321 -18.98 22.51 -10.60
N ASP B 322 -17.72 22.96 -10.62
CA ASP B 322 -17.15 23.47 -11.85
C ASP B 322 -17.02 22.38 -12.89
N LEU B 323 -16.63 21.17 -12.46
CA LEU B 323 -16.52 20.04 -13.38
C LEU B 323 -17.86 19.72 -14.05
N VAL B 324 -18.96 19.80 -13.30
CA VAL B 324 -20.24 19.41 -13.87
C VAL B 324 -21.15 20.62 -14.04
N HIS B 325 -20.56 21.80 -14.19
CA HIS B 325 -21.30 23.06 -14.25
C HIS B 325 -22.41 22.99 -15.30
N PRO B 326 -23.65 23.39 -14.98
CA PRO B 326 -24.07 23.89 -13.67
C PRO B 326 -24.90 22.89 -12.84
N ASP B 327 -24.66 21.59 -12.94
CA ASP B 327 -25.58 20.64 -12.32
C ASP B 327 -25.41 20.49 -10.81
N ALA B 328 -24.34 21.01 -10.22
CA ALA B 328 -24.15 20.91 -8.78
C ALA B 328 -24.54 22.18 -8.04
N GLN B 329 -25.17 23.13 -8.73
CA GLN B 329 -25.39 24.44 -8.14
C GLN B 329 -26.36 24.40 -6.98
N ASP B 330 -27.34 23.49 -6.98
CA ASP B 330 -28.25 23.41 -5.84
C ASP B 330 -27.57 22.79 -4.63
N ILE B 331 -26.70 21.80 -4.86
CA ILE B 331 -25.93 21.20 -3.79
C ILE B 331 -25.01 22.23 -3.17
N LEU B 332 -24.30 22.97 -4.01
CA LEU B 332 -23.42 24.04 -3.54
C LEU B 332 -24.21 25.10 -2.76
N ASP B 333 -25.41 25.46 -3.24
CA ASP B 333 -26.24 26.44 -2.54
C ASP B 333 -26.56 25.99 -1.13
N THR B 334 -27.01 24.75 -0.98
CA THR B 334 -27.35 24.20 0.33
C THR B 334 -26.15 24.19 1.25
N LEU B 335 -24.99 23.81 0.71
CA LEU B 335 -23.76 23.85 1.51
C LEU B 335 -23.52 25.25 2.04
N GLU B 336 -23.67 26.25 1.18
CA GLU B 336 -23.43 27.62 1.60
C GLU B 336 -24.47 28.09 2.59
N ASP B 337 -25.73 27.63 2.46
CA ASP B 337 -26.75 27.95 3.45
C ASP B 337 -26.41 27.35 4.80
N ASN B 338 -25.98 26.08 4.81
CA ASN B 338 -25.69 25.36 6.05
C ASN B 338 -24.48 25.96 6.75
N ARG B 339 -23.50 26.41 5.96
CA ARG B 339 -22.36 27.12 6.52
C ARG B 339 -22.80 28.41 7.19
N GLU B 340 -23.65 29.19 6.52
CA GLU B 340 -24.23 30.40 7.11
C GLU B 340 -24.95 30.07 8.41
N TRP B 341 -25.67 28.95 8.46
CA TRP B 341 -26.40 28.63 9.70
C TRP B 341 -25.44 28.24 10.82
N TYR B 342 -24.49 27.34 10.55
CA TYR B 342 -23.55 26.99 11.61
C TYR B 342 -22.79 28.22 12.10
N GLN B 343 -22.38 29.10 11.17
CA GLN B 343 -21.71 30.33 11.57
C GLN B 343 -22.60 31.16 12.49
N SER B 344 -23.90 31.21 12.20
CA SER B 344 -24.77 32.03 13.05
C SER B 344 -24.92 31.46 14.46
N THR B 345 -24.63 30.16 14.65
CA THR B 345 -24.67 29.57 15.98
C THR B 345 -23.44 29.89 16.81
N ILE B 346 -22.42 30.53 16.22
CA ILE B 346 -21.25 30.99 16.97
C ILE B 346 -21.52 32.40 17.47
N PRO B 347 -21.53 32.64 18.81
CA PRO B 347 -21.77 33.98 19.36
C PRO B 347 -20.66 34.97 18.99
ZN ZN C . 15.02 -10.16 -2.81
MG MG D . 11.36 -9.37 -2.90
C4 AKU E . 15.45 -13.16 -12.63
C14 AKU E . 11.99 -10.63 -11.93
C5 AKU E . 15.17 -12.68 -11.34
C6 AKU E . 16.13 -12.79 -10.34
C11 AKU E . 16.04 -14.03 -15.19
C7 AKU E . 13.80 -12.14 -11.08
C8 AKU E . 14.63 -11.44 -8.87
C9 AKU E . 15.85 -12.33 -8.93
C10 AKU E . 19.83 -14.61 -11.31
C12 AKU E . 12.38 -12.50 -9.10
C13 AKU E . 13.51 -10.81 -11.82
N1 AKU E . 13.53 -12.04 -9.64
N2 AKU E . 10.37 -8.35 -14.36
C3 AKU E . 16.67 -13.72 -12.92
C1 AKU E . 17.38 -13.37 -10.64
C15 AKU E . 11.53 -9.82 -13.11
C16 AKU E . 10.51 -8.91 -13.11
C17 AKU E . 11.31 -8.91 -15.20
C18 AKU E . 12.06 -9.84 -14.44
C19 AKU E . 11.56 -8.68 -16.55
C2 AKU E . 17.66 -13.82 -11.92
C20 AKU E . 12.57 -9.38 -17.14
C21 AKU E . 13.32 -10.31 -16.42
C22 AKU E . 13.08 -10.54 -15.09
O1 AKU E . 18.84 -14.39 -12.30
O2 AKU E . 17.02 -14.18 -14.16
O3 AKU E . 12.05 -12.36 -7.93
C1 EDO F . 9.00 -14.79 -13.62
O1 EDO F . 8.23 -14.36 -14.72
C2 EDO F . 8.11 -14.98 -12.40
O2 EDO F . 7.43 -13.78 -12.20
C1 EDO G . 5.63 4.83 4.80
O1 EDO G . 5.98 6.08 4.27
C2 EDO G . 4.68 4.99 5.97
O2 EDO G . 5.37 5.63 7.02
ZN ZN H . -16.77 7.08 4.97
MG MG I . -13.27 5.80 5.47
C4 AKU J . -15.30 15.81 10.11
C14 AKU J . -11.71 14.21 7.90
C5 AKU J . -15.27 14.59 9.41
C6 AKU J . -16.45 14.04 8.95
C11 AKU J . -15.40 18.15 11.62
C7 AKU J . -13.94 13.92 9.22
C8 AKU J . -15.09 12.24 7.82
C9 AKU J . -16.48 12.72 8.21
C10 AKU J . -20.07 16.11 9.73
C12 AKU J . -13.48 11.54 9.58
C13 AKU J . -13.16 14.65 8.09
N1 AKU J . -14.14 12.51 8.91
N2 AKU J . -9.35 15.07 10.62
C3 AKU J . -16.48 16.47 10.33
C1 AKU J . -17.67 14.72 9.18
C15 AKU J . -10.76 14.81 8.89
C16 AKU J . -10.12 14.19 9.92
C17 AKU J . -9.46 16.32 10.04
C18 AKU J . -10.35 16.19 8.95
C19 AKU J . -8.87 17.52 10.38
C2 AKU J . -17.68 15.93 9.86
C20 AKU J . -9.18 18.62 9.62
C21 AKU J . -10.06 18.52 8.54
C22 AKU J . -10.65 17.33 8.20
O1 AKU J . -18.81 16.67 10.12
O2 AKU J . -16.58 17.66 10.99
O3 AKU J . -13.62 10.35 9.40
C1 EDO K . -9.69 12.43 14.09
O1 EDO K . -8.86 12.00 13.06
C2 EDO K . -9.98 13.91 13.81
O2 EDO K . -8.82 14.68 14.00
C1 EDO L . -4.64 -2.83 -7.61
O1 EDO L . -4.71 -3.63 -8.77
C2 EDO L . -5.48 -1.60 -7.90
O2 EDO L . -4.70 -0.65 -8.57
#